data_7UU5
#
_entry.id   7UU5
#
_cell.length_a   61.305
_cell.length_b   71.559
_cell.length_c   72.710
_cell.angle_alpha   119.390
_cell.angle_beta   111.000
_cell.angle_gamma   90.080
#
_symmetry.space_group_name_H-M   'P 1'
#
loop_
_entity.id
_entity.type
_entity.pdbx_description
1 polymer 'DNA dC->dU-editing enzyme APOBEC-3G'
2 polymer "RNA (5'-R(P*UP*AP*AP*CP*GP*CP*UP*GP*CP*GP*G)-3')"
3 polymer "RNA (5'-R(P*UP*AP*AP*CP*CP*GP*CP*AP*GP*CP*G)-3')"
4 non-polymer 'ZINC ION'
#
loop_
_entity_poly.entity_id
_entity_poly.type
_entity_poly.pdbx_seq_one_letter_code
_entity_poly.pdbx_strand_id
1 'polypeptide(L)'
;GPGGSGGMKPQIRNMVEPMDPRTFVSNFNNRPILSGLDTVWLCCEVKTKDPSGPPLDAKIFQGKVYPKAKYHPEMRFLRW
FHKWRQLHHDQEYKVTWYVSWSPCTRCANSVATFLAKDPKVTLTIFVARLYYFWDPDYQQALRILAEAGATMKIMNYNEF
QDCWNKFVDGRGKPFKPWNNLPKHYTLLQATLGELLRHLMDPGTFTSNFNNKPWVSGQHETYLCYKVERLHNDTWVPLNQ
HRGFLRNQAPNIHGFPKGRHAALCFLDLIPFWKLDGQQYRVTCFTSWSPCFSCAQEMAKFISNNEHVSLCIFAARIYDDQ
GRYQEGLRTLHRDGAKIAMMNYSEFEYCWDTFVDRQGRPFQPWDGLDEHSQALSGRLRAILQNQGN
;
A,B
2 'polyribonucleotide' UUAACGCUGCGGCCUUUU M
3 'polyribonucleotide' UUAACCGCAGCGCCUUUU N
#
loop_
_chem_comp.id
_chem_comp.type
_chem_comp.name
_chem_comp.formula
A RNA linking ADENOSINE-5'-MONOPHOSPHATE 'C10 H14 N5 O7 P'
C RNA linking CYTIDINE-5'-MONOPHOSPHATE 'C9 H14 N3 O8 P'
G RNA linking GUANOSINE-5'-MONOPHOSPHATE 'C10 H14 N5 O8 P'
U RNA linking URIDINE-5'-MONOPHOSPHATE 'C9 H13 N2 O9 P'
ZN non-polymer 'ZINC ION' 'Zn 2'
#
# COMPACT_ATOMS: atom_id res chain seq x y z
N MET A 8 49.60 9.61 -20.93
CA MET A 8 48.44 9.19 -20.16
C MET A 8 48.65 7.78 -19.60
N LYS A 9 47.83 7.43 -18.61
CA LYS A 9 47.84 6.11 -18.02
C LYS A 9 46.46 5.47 -18.17
N PRO A 10 46.39 4.19 -18.57
CA PRO A 10 45.09 3.60 -18.89
C PRO A 10 44.37 3.03 -17.69
N GLN A 11 43.05 3.23 -17.67
CA GLN A 11 42.18 2.69 -16.64
C GLN A 11 41.21 1.70 -17.28
N ILE A 12 41.22 0.46 -16.79
CA ILE A 12 40.25 -0.52 -17.27
C ILE A 12 38.86 -0.14 -16.76
N ARG A 13 37.84 -0.59 -17.49
CA ARG A 13 36.48 -0.09 -17.35
C ARG A 13 35.99 -0.07 -15.90
N ASN A 14 36.01 -1.23 -15.23
CA ASN A 14 35.40 -1.53 -13.92
C ASN A 14 33.96 -2.00 -14.10
N MET A 15 33.80 -3.23 -14.59
CA MET A 15 32.49 -3.85 -14.79
C MET A 15 31.63 -3.76 -13.53
N VAL A 16 30.39 -3.32 -13.71
CA VAL A 16 29.51 -3.04 -12.58
C VAL A 16 29.32 -4.29 -11.73
N GLU A 17 29.39 -4.11 -10.41
CA GLU A 17 28.99 -5.14 -9.47
C GLU A 17 27.50 -4.97 -9.23
N PRO A 18 26.65 -5.80 -9.86
CA PRO A 18 25.22 -5.49 -9.94
C PRO A 18 24.47 -5.75 -8.63
N MET A 19 23.29 -5.15 -8.55
CA MET A 19 22.34 -5.37 -7.47
C MET A 19 21.39 -6.51 -7.84
N ASP A 20 20.99 -7.27 -6.82
CA ASP A 20 20.11 -8.41 -7.04
C ASP A 20 18.70 -7.96 -7.42
N PRO A 21 17.96 -8.79 -8.18
CA PRO A 21 16.68 -8.34 -8.73
C PRO A 21 15.67 -7.86 -7.69
N ARG A 22 15.59 -8.49 -6.52
CA ARG A 22 14.56 -8.10 -5.56
C ARG A 22 14.82 -6.71 -4.99
N THR A 23 16.10 -6.39 -4.73
CA THR A 23 16.44 -5.05 -4.27
C THR A 23 16.04 -4.00 -5.31
N PHE A 24 16.34 -4.27 -6.59
CA PHE A 24 15.97 -3.33 -7.65
C PHE A 24 14.46 -3.16 -7.73
N VAL A 25 13.72 -4.27 -7.79
CA VAL A 25 12.26 -4.20 -7.89
C VAL A 25 11.68 -3.41 -6.72
N SER A 26 12.20 -3.63 -5.51
CA SER A 26 11.68 -2.91 -4.35
C SER A 26 12.04 -1.43 -4.40
N ASN A 27 13.30 -1.11 -4.68
CA ASN A 27 13.81 0.25 -4.51
C ASN A 27 13.50 1.17 -5.70
N PHE A 28 13.18 0.61 -6.86
CA PHE A 28 12.90 1.43 -8.04
C PHE A 28 11.43 1.38 -8.45
N ASN A 29 10.59 0.71 -7.68
CA ASN A 29 9.15 0.88 -7.83
C ASN A 29 8.81 2.36 -7.75
N ASN A 30 8.12 2.86 -8.77
CA ASN A 30 7.89 4.29 -8.90
C ASN A 30 6.50 4.71 -8.42
N ARG A 31 5.92 3.96 -7.48
CA ARG A 31 4.72 4.44 -6.82
C ARG A 31 5.05 5.76 -6.15
N PRO A 32 4.39 6.87 -6.52
CA PRO A 32 4.82 8.19 -6.04
C PRO A 32 4.90 8.30 -4.53
N ILE A 33 3.96 7.69 -3.80
CA ILE A 33 3.99 7.65 -2.35
C ILE A 33 4.32 6.21 -1.95
N LEU A 34 5.55 6.01 -1.49
CA LEU A 34 6.05 4.67 -1.16
C LEU A 34 6.85 4.76 0.13
N SER A 35 6.35 4.14 1.19
CA SER A 35 7.03 4.11 2.49
C SER A 35 7.83 2.83 2.64
N GLY A 36 8.84 2.89 3.51
CA GLY A 36 9.68 1.75 3.81
C GLY A 36 11.05 1.80 3.19
N LEU A 37 11.28 2.68 2.21
CA LEU A 37 12.57 2.79 1.54
C LEU A 37 13.43 3.80 2.30
N ASP A 38 14.47 3.29 2.96
CA ASP A 38 15.42 4.13 3.69
C ASP A 38 16.72 4.36 2.93
N THR A 39 17.03 3.54 1.93
CA THR A 39 18.23 3.70 1.13
C THR A 39 17.91 4.40 -0.18
N VAL A 40 18.90 5.14 -0.67
CA VAL A 40 18.88 5.70 -2.01
C VAL A 40 19.89 4.91 -2.83
N TRP A 41 19.43 4.41 -3.98
CA TRP A 41 20.26 3.71 -4.95
C TRP A 41 20.48 4.61 -6.15
N LEU A 42 21.73 4.72 -6.57
CA LEU A 42 22.13 5.55 -7.70
C LEU A 42 22.99 4.71 -8.63
N CYS A 43 22.60 4.65 -9.90
CA CYS A 43 23.33 3.91 -10.91
C CYS A 43 23.83 4.93 -11.93
N CYS A 44 25.12 5.24 -11.89
CA CYS A 44 25.68 6.26 -12.77
C CYS A 44 26.42 5.61 -13.93
N GLU A 45 26.42 6.31 -15.06
CA GLU A 45 27.11 5.88 -16.27
C GLU A 45 27.74 7.10 -16.92
N VAL A 46 29.03 7.00 -17.22
CA VAL A 46 29.80 8.06 -17.86
C VAL A 46 30.11 7.61 -19.28
N LYS A 47 29.61 8.38 -20.25
CA LYS A 47 29.90 8.30 -21.67
C LYS A 47 30.59 9.58 -22.13
N THR A 48 30.88 9.65 -23.42
CA THR A 48 31.46 10.83 -24.03
C THR A 48 30.40 11.53 -24.87
N LYS A 49 30.82 12.58 -25.59
CA LYS A 49 29.90 13.30 -26.48
C LYS A 49 29.13 12.32 -27.37
N ASP A 50 29.82 11.31 -27.90
CA ASP A 50 29.24 10.40 -28.86
C ASP A 50 28.32 9.38 -28.18
N PRO A 51 27.02 9.38 -28.47
CA PRO A 51 26.15 8.35 -27.90
C PRO A 51 26.24 7.01 -28.62
N SER A 52 26.78 6.98 -29.83
CA SER A 52 26.96 5.75 -30.59
C SER A 52 28.29 5.07 -30.28
N GLY A 53 28.94 5.46 -29.20
CA GLY A 53 30.14 4.81 -28.73
C GLY A 53 29.90 4.20 -27.36
N PRO A 54 30.40 2.99 -27.15
CA PRO A 54 30.06 2.24 -25.93
C PRO A 54 30.42 3.03 -24.68
N PRO A 55 29.59 2.93 -23.63
CA PRO A 55 29.88 3.64 -22.38
C PRO A 55 31.29 3.40 -21.87
N LEU A 56 31.83 4.41 -21.18
CA LEU A 56 33.18 4.28 -20.62
C LEU A 56 33.15 3.68 -19.21
N ASP A 57 32.24 4.15 -18.35
CA ASP A 57 32.28 3.60 -16.99
C ASP A 57 30.89 3.62 -16.38
N ALA A 58 30.61 2.62 -15.55
CA ALA A 58 29.33 2.56 -14.85
C ALA A 58 29.55 2.06 -13.43
N LYS A 59 28.97 2.77 -12.46
CA LYS A 59 29.13 2.43 -11.05
C LYS A 59 27.83 2.63 -10.29
N ILE A 60 27.58 1.72 -9.34
CA ILE A 60 26.43 1.79 -8.46
C ILE A 60 26.89 2.31 -7.10
N PHE A 61 26.16 3.29 -6.59
CA PHE A 61 26.32 3.79 -5.22
C PHE A 61 25.01 3.60 -4.48
N GLN A 62 25.12 3.44 -3.16
CA GLN A 62 23.95 3.37 -2.31
C GLN A 62 24.23 4.13 -1.03
N GLY A 63 23.16 4.48 -0.33
CA GLY A 63 23.35 5.11 0.96
C GLY A 63 22.06 5.43 1.71
N LYS A 64 22.10 5.36 3.03
CA LYS A 64 20.94 5.72 3.82
C LYS A 64 20.60 7.20 3.58
N VAL A 65 19.32 7.52 3.72
CA VAL A 65 18.85 8.87 3.44
C VAL A 65 18.99 9.72 4.69
N TYR A 66 19.85 9.30 5.62
CA TYR A 66 19.98 10.03 6.87
C TYR A 66 20.70 11.35 6.63
N PRO A 67 20.27 12.43 7.29
CA PRO A 67 21.12 13.64 7.37
C PRO A 67 22.54 13.27 7.78
N LYS A 68 23.48 14.22 7.67
CA LYS A 68 24.89 13.91 7.43
C LYS A 68 25.03 13.46 5.98
N ALA A 69 24.76 14.40 5.05
CA ALA A 69 24.77 14.12 3.63
C ALA A 69 26.13 13.64 3.13
N LYS A 70 27.16 13.69 3.99
CA LYS A 70 28.47 13.16 3.64
C LYS A 70 28.38 11.78 2.99
N TYR A 71 27.55 10.89 3.54
CA TYR A 71 27.45 9.52 3.08
C TYR A 71 26.32 9.29 2.08
N HIS A 72 25.60 10.35 1.68
CA HIS A 72 24.60 10.19 0.63
C HIS A 72 25.27 9.75 -0.67
N PRO A 73 24.61 8.90 -1.46
CA PRO A 73 25.23 8.39 -2.71
C PRO A 73 25.61 9.48 -3.70
N GLU A 74 24.93 10.63 -3.72
CA GLU A 74 25.35 11.71 -4.61
C GLU A 74 26.74 12.21 -4.25
N MET A 75 27.02 12.38 -2.95
CA MET A 75 28.34 12.84 -2.53
C MET A 75 29.41 11.79 -2.83
N ARG A 76 29.08 10.51 -2.62
CA ARG A 76 30.02 9.45 -2.94
C ARG A 76 30.32 9.43 -4.43
N PHE A 77 29.31 9.64 -5.27
CA PHE A 77 29.54 9.75 -6.70
C PHE A 77 30.43 10.95 -7.01
N LEU A 78 30.19 12.09 -6.36
CA LEU A 78 31.02 13.26 -6.60
C LEU A 78 32.50 12.97 -6.31
N ARG A 79 32.77 12.34 -5.17
CA ARG A 79 34.16 12.00 -4.83
C ARG A 79 34.76 11.05 -5.86
N TRP A 80 34.03 9.96 -6.16
CA TRP A 80 34.50 8.98 -7.13
C TRP A 80 34.77 9.62 -8.49
N PHE A 81 33.90 10.53 -8.92
CA PHE A 81 34.01 11.07 -10.26
C PHE A 81 35.06 12.17 -10.34
N HIS A 82 35.30 12.90 -9.25
CA HIS A 82 36.47 13.76 -9.23
C HIS A 82 37.74 12.95 -9.46
N LYS A 83 37.88 11.84 -8.71
CA LYS A 83 39.02 10.95 -8.94
C LYS A 83 39.07 10.49 -10.39
N TRP A 84 37.93 10.00 -10.91
CA TRP A 84 37.84 9.52 -12.29
C TRP A 84 38.28 10.58 -13.29
N ARG A 85 37.88 11.83 -13.08
CA ARG A 85 38.26 12.93 -13.97
C ARG A 85 39.75 13.17 -13.90
N GLN A 86 40.33 13.13 -12.70
CA GLN A 86 41.77 13.32 -12.61
C GLN A 86 42.55 12.18 -13.25
N LEU A 87 41.91 11.01 -13.41
CA LEU A 87 42.60 9.87 -13.98
C LEU A 87 42.31 9.61 -15.45
N HIS A 88 41.38 10.35 -16.06
CA HIS A 88 41.00 10.14 -17.45
C HIS A 88 41.29 11.38 -18.30
N HIS A 89 41.24 11.16 -19.61
CA HIS A 89 41.42 12.23 -20.59
C HIS A 89 40.46 13.38 -20.33
N ASP A 90 40.97 14.60 -20.45
CA ASP A 90 40.17 15.80 -20.22
C ASP A 90 39.38 16.14 -21.48
N GLN A 91 38.10 15.80 -21.49
CA GLN A 91 37.21 16.10 -22.59
C GLN A 91 35.80 16.23 -22.05
N GLU A 92 34.83 16.44 -22.94
CA GLU A 92 33.44 16.53 -22.52
C GLU A 92 32.89 15.15 -22.20
N TYR A 93 32.23 15.02 -21.06
CA TYR A 93 31.62 13.76 -20.65
C TYR A 93 30.15 13.97 -20.34
N LYS A 94 29.38 12.90 -20.54
CA LYS A 94 27.94 12.88 -20.32
C LYS A 94 27.66 11.82 -19.25
N VAL A 95 27.35 12.28 -18.05
CA VAL A 95 26.95 11.41 -16.94
C VAL A 95 25.44 11.25 -16.93
N THR A 96 24.98 10.02 -16.75
CA THR A 96 23.58 9.69 -16.57
C THR A 96 23.41 9.02 -15.22
N TRP A 97 22.40 9.45 -14.47
CA TRP A 97 22.01 8.87 -13.20
C TRP A 97 20.66 8.16 -13.33
N TYR A 98 20.56 6.98 -12.75
CA TYR A 98 19.28 6.36 -12.41
C TYR A 98 19.22 6.31 -10.90
N VAL A 99 18.46 7.22 -10.29
CA VAL A 99 18.40 7.35 -8.84
C VAL A 99 16.97 7.12 -8.37
N SER A 100 16.83 6.37 -7.27
CA SER A 100 15.50 5.95 -6.82
C SER A 100 14.72 7.10 -6.20
N TRP A 101 15.39 7.99 -5.47
CA TRP A 101 14.77 9.15 -4.85
C TRP A 101 15.38 10.43 -5.41
N SER A 102 14.58 11.49 -5.45
CA SER A 102 15.08 12.80 -5.83
C SER A 102 16.01 13.34 -4.73
N PRO A 103 17.02 14.12 -5.11
CA PRO A 103 18.05 14.52 -4.14
C PRO A 103 17.55 15.59 -3.18
N CYS A 104 18.33 15.77 -2.11
CA CYS A 104 18.09 16.77 -1.08
C CYS A 104 18.84 18.07 -1.40
N THR A 105 18.61 19.09 -0.56
CA THR A 105 19.21 20.40 -0.79
C THR A 105 20.73 20.37 -0.65
N ARG A 106 21.24 19.68 0.37
CA ARG A 106 22.68 19.65 0.61
C ARG A 106 23.43 19.04 -0.57
N CYS A 107 23.01 17.84 -0.98
CA CYS A 107 23.61 17.20 -2.15
C CYS A 107 23.40 18.03 -3.40
N ALA A 108 22.23 18.66 -3.55
CA ALA A 108 21.97 19.46 -4.74
C ALA A 108 22.93 20.65 -4.82
N ASN A 109 23.22 21.29 -3.69
CA ASN A 109 24.19 22.38 -3.68
C ASN A 109 25.58 21.89 -3.99
N SER A 110 25.96 20.73 -3.44
CA SER A 110 27.26 20.16 -3.80
C SER A 110 27.36 19.86 -5.29
N VAL A 111 26.29 19.35 -5.88
CA VAL A 111 26.28 19.01 -7.30
C VAL A 111 26.36 20.28 -8.16
N ALA A 112 25.57 21.30 -7.81
CA ALA A 112 25.66 22.57 -8.51
C ALA A 112 27.06 23.15 -8.45
N THR A 113 27.68 23.11 -7.26
CA THR A 113 29.05 23.58 -7.10
C THR A 113 29.99 22.81 -8.02
N PHE A 114 29.90 21.48 -8.02
CA PHE A 114 30.78 20.66 -8.84
C PHE A 114 30.60 20.96 -10.32
N LEU A 115 29.35 21.11 -10.77
CA LEU A 115 29.10 21.43 -12.17
C LEU A 115 29.64 22.80 -12.53
N ALA A 116 29.61 23.74 -11.59
CA ALA A 116 30.25 25.04 -11.83
C ALA A 116 31.76 24.89 -11.94
N LYS A 117 32.37 24.08 -11.08
CA LYS A 117 33.82 23.89 -11.13
C LYS A 117 34.24 23.18 -12.42
N ASP A 118 33.44 22.21 -12.87
CA ASP A 118 33.78 21.35 -14.00
C ASP A 118 32.75 21.55 -15.09
N PRO A 119 32.88 22.62 -15.90
CA PRO A 119 31.87 22.90 -16.93
C PRO A 119 31.89 21.91 -18.10
N LYS A 120 32.87 21.01 -18.14
CA LYS A 120 32.96 20.02 -19.20
C LYS A 120 32.02 18.84 -18.99
N VAL A 121 31.43 18.68 -17.81
CA VAL A 121 30.56 17.56 -17.49
C VAL A 121 29.11 17.97 -17.68
N THR A 122 28.36 17.17 -18.46
CA THR A 122 26.92 17.32 -18.58
C THR A 122 26.24 16.18 -17.82
N LEU A 123 25.37 16.53 -16.88
CA LEU A 123 24.71 15.58 -16.00
C LEU A 123 23.22 15.49 -16.31
N THR A 124 22.73 14.27 -16.48
CA THR A 124 21.30 13.99 -16.65
C THR A 124 20.85 13.06 -15.54
N ILE A 125 19.75 13.39 -14.87
CA ILE A 125 19.24 12.62 -13.74
C ILE A 125 17.86 12.08 -14.10
N PHE A 126 17.70 10.75 -14.01
CA PHE A 126 16.42 10.08 -14.09
C PHE A 126 16.06 9.59 -12.68
N VAL A 127 14.96 10.11 -12.13
CA VAL A 127 14.51 9.74 -10.80
C VAL A 127 13.35 8.75 -10.91
N ALA A 128 13.33 7.76 -10.02
CA ALA A 128 12.21 6.83 -9.97
C ALA A 128 11.00 7.45 -9.29
N ARG A 129 11.21 8.09 -8.15
CA ARG A 129 10.17 8.78 -7.41
C ARG A 129 10.68 10.15 -6.98
N LEU A 130 9.78 11.12 -6.89
CA LEU A 130 10.13 12.42 -6.36
C LEU A 130 10.08 12.39 -4.84
N TYR A 131 11.19 12.75 -4.20
CA TYR A 131 11.35 12.67 -2.76
C TYR A 131 10.90 13.98 -2.13
N TYR A 132 9.86 13.92 -1.29
CA TYR A 132 9.31 15.09 -0.63
C TYR A 132 8.96 16.19 -1.63
N PHE A 133 8.18 15.83 -2.66
CA PHE A 133 7.84 16.81 -3.68
C PHE A 133 6.91 17.90 -3.14
N TRP A 134 6.32 17.71 -1.97
CA TRP A 134 5.52 18.72 -1.32
C TRP A 134 6.34 19.60 -0.38
N ASP A 135 7.44 19.06 0.13
CA ASP A 135 8.35 19.84 0.97
C ASP A 135 8.96 20.98 0.14
N PRO A 136 8.88 22.23 0.59
CA PRO A 136 9.48 23.33 -0.17
C PRO A 136 10.95 23.14 -0.50
N ASP A 137 11.75 22.63 0.45
CA ASP A 137 13.20 22.62 0.27
C ASP A 137 13.65 21.57 -0.74
N TYR A 138 12.94 20.45 -0.85
CA TYR A 138 13.29 19.49 -1.89
C TYR A 138 12.91 19.99 -3.28
N GLN A 139 11.82 20.77 -3.38
CA GLN A 139 11.54 21.45 -4.64
C GLN A 139 12.65 22.42 -4.98
N GLN A 140 13.12 23.19 -3.98
CA GLN A 140 14.24 24.10 -4.20
C GLN A 140 15.50 23.33 -4.62
N ALA A 141 15.71 22.14 -4.07
CA ALA A 141 16.84 21.31 -4.48
C ALA A 141 16.73 20.93 -5.96
N LEU A 142 15.56 20.46 -6.37
CA LEU A 142 15.34 20.16 -7.78
C LEU A 142 15.60 21.38 -8.65
N ARG A 143 15.20 22.56 -8.18
CA ARG A 143 15.46 23.78 -8.96
C ARG A 143 16.95 24.11 -8.99
N ILE A 144 17.66 23.93 -7.89
CA ILE A 144 19.11 24.13 -7.88
C ILE A 144 19.76 23.25 -8.94
N LEU A 145 19.34 21.99 -9.00
CA LEU A 145 19.91 21.07 -9.99
C LEU A 145 19.58 21.50 -11.41
N ALA A 146 18.29 21.71 -11.71
CA ALA A 146 17.89 22.14 -13.04
C ALA A 146 18.60 23.42 -13.46
N GLU A 147 18.84 24.31 -12.50
CA GLU A 147 19.47 25.59 -12.80
C GLU A 147 20.97 25.44 -13.05
N ALA A 148 21.62 24.53 -12.34
CA ALA A 148 23.05 24.32 -12.55
C ALA A 148 23.37 23.67 -13.88
N GLY A 149 22.37 23.20 -14.62
CA GLY A 149 22.61 22.61 -15.92
C GLY A 149 22.02 21.22 -16.09
N ALA A 150 21.83 20.52 -14.98
CA ALA A 150 21.41 19.12 -15.02
C ALA A 150 20.01 18.99 -15.60
N THR A 151 19.81 17.93 -16.38
CA THR A 151 18.51 17.62 -16.96
C THR A 151 17.76 16.66 -16.03
N MET A 152 16.69 17.16 -15.40
CA MET A 152 15.88 16.36 -14.49
C MET A 152 14.76 15.67 -15.28
N LYS A 153 14.63 14.37 -15.09
CA LYS A 153 13.60 13.59 -15.77
C LYS A 153 13.08 12.50 -14.84
N ILE A 154 11.93 11.94 -15.20
CA ILE A 154 11.34 10.80 -14.52
C ILE A 154 11.68 9.54 -15.31
N MET A 155 11.98 8.45 -14.59
CA MET A 155 12.24 7.18 -15.24
C MET A 155 10.95 6.63 -15.83
N ASN A 156 10.98 6.32 -17.12
CA ASN A 156 9.90 5.61 -17.77
C ASN A 156 10.31 4.15 -17.98
N TYR A 157 9.47 3.40 -18.71
CA TYR A 157 9.74 1.98 -18.93
C TYR A 157 11.12 1.74 -19.52
N ASN A 158 11.52 2.56 -20.50
CA ASN A 158 12.80 2.38 -21.17
C ASN A 158 13.96 2.50 -20.18
N GLU A 159 13.92 3.48 -19.29
CA GLU A 159 15.03 3.67 -18.36
C GLU A 159 15.04 2.58 -17.29
N PHE A 160 13.88 2.07 -16.89
CA PHE A 160 13.85 0.93 -15.98
C PHE A 160 14.45 -0.31 -16.65
N GLN A 161 14.09 -0.55 -17.91
CA GLN A 161 14.64 -1.68 -18.66
C GLN A 161 16.15 -1.57 -18.79
N ASP A 162 16.64 -0.37 -19.13
CA ASP A 162 18.08 -0.18 -19.28
C ASP A 162 18.81 -0.35 -17.94
N CYS A 163 18.24 0.20 -16.86
CA CYS A 163 18.83 -0.01 -15.54
C CYS A 163 18.88 -1.48 -15.19
N TRP A 164 17.80 -2.21 -15.48
CA TRP A 164 17.76 -3.65 -15.26
C TRP A 164 18.88 -4.35 -16.02
N ASN A 165 19.07 -3.97 -17.30
CA ASN A 165 20.08 -4.61 -18.12
C ASN A 165 21.50 -4.31 -17.65
N LYS A 166 21.78 -3.04 -17.34
CA LYS A 166 23.14 -2.58 -17.08
C LYS A 166 23.58 -2.71 -15.63
N PHE A 167 22.65 -2.76 -14.68
CA PHE A 167 23.00 -2.64 -13.27
C PHE A 167 22.36 -3.69 -12.37
N VAL A 168 21.50 -4.56 -12.89
CA VAL A 168 20.79 -5.53 -12.08
C VAL A 168 21.24 -6.93 -12.46
N ASP A 169 21.39 -7.79 -11.46
CA ASP A 169 21.79 -9.19 -11.62
C ASP A 169 20.60 -10.02 -12.14
N GLY A 170 20.12 -9.65 -13.33
CA GLY A 170 18.97 -10.32 -13.93
C GLY A 170 19.24 -11.72 -14.43
N ARG A 171 20.50 -12.04 -14.73
CA ARG A 171 20.93 -13.36 -15.19
C ARG A 171 20.32 -13.73 -16.54
N GLY A 172 20.12 -12.74 -17.42
CA GLY A 172 19.56 -12.98 -18.73
C GLY A 172 18.05 -12.89 -18.79
N LYS A 173 17.37 -12.98 -17.66
CA LYS A 173 15.92 -12.83 -17.64
C LYS A 173 15.53 -11.40 -18.05
N PRO A 174 14.40 -11.23 -18.72
CA PRO A 174 13.98 -9.89 -19.11
C PRO A 174 13.33 -9.13 -17.98
N PHE A 175 13.41 -7.79 -18.08
CA PHE A 175 12.78 -6.91 -17.10
C PHE A 175 11.26 -7.00 -17.22
N LYS A 176 10.60 -7.35 -16.11
CA LYS A 176 9.14 -7.44 -16.06
C LYS A 176 8.58 -6.23 -15.33
N PRO A 177 7.82 -5.37 -15.97
CA PRO A 177 7.32 -4.17 -15.30
C PRO A 177 6.21 -4.50 -14.30
N TRP A 178 6.09 -3.64 -13.29
CA TRP A 178 5.11 -3.80 -12.23
C TRP A 178 3.76 -3.21 -12.65
N ASN A 179 2.75 -3.46 -11.82
CA ASN A 179 1.44 -2.88 -12.04
C ASN A 179 1.48 -1.37 -11.77
N ASN A 180 0.87 -0.60 -12.68
CA ASN A 180 0.67 0.85 -12.58
C ASN A 180 1.91 1.66 -12.90
N LEU A 181 2.90 1.05 -13.55
CA LEU A 181 4.09 1.83 -13.93
C LEU A 181 3.74 3.03 -14.81
N PRO A 182 2.88 2.91 -15.83
CA PRO A 182 2.53 4.11 -16.61
C PRO A 182 1.78 5.19 -15.84
N LYS A 183 0.82 4.81 -14.98
CA LYS A 183 0.06 5.83 -14.25
C LYS A 183 0.97 6.57 -13.27
N HIS A 184 1.83 5.83 -12.56
CA HIS A 184 2.80 6.46 -11.68
C HIS A 184 3.74 7.37 -12.48
N TYR A 185 4.18 6.92 -13.66
CA TYR A 185 5.02 7.78 -14.48
C TYR A 185 4.30 9.06 -14.87
N THR A 186 3.01 8.96 -15.23
CA THR A 186 2.26 10.14 -15.63
C THR A 186 2.17 11.14 -14.47
N LEU A 187 1.76 10.65 -13.29
CA LEU A 187 1.68 11.52 -12.12
C LEU A 187 3.02 12.19 -11.83
N LEU A 188 4.11 11.41 -11.86
CA LEU A 188 5.41 11.94 -11.50
C LEU A 188 5.93 12.93 -12.53
N GLN A 189 5.71 12.66 -13.82
CA GLN A 189 6.13 13.58 -14.87
C GLN A 189 5.40 14.91 -14.76
N ALA A 190 4.08 14.86 -14.51
CA ALA A 190 3.33 16.10 -14.34
C ALA A 190 3.83 16.88 -13.13
N THR A 191 4.05 16.19 -12.00
CA THR A 191 4.54 16.88 -10.80
C THR A 191 5.92 17.48 -11.04
N LEU A 192 6.78 16.78 -11.78
CA LEU A 192 8.10 17.31 -12.09
C LEU A 192 8.00 18.55 -12.96
N GLY A 193 7.11 18.53 -13.96
CA GLY A 193 6.87 19.72 -14.75
C GLY A 193 6.40 20.89 -13.92
N GLU A 194 5.57 20.62 -12.91
CA GLU A 194 5.15 21.69 -12.00
C GLU A 194 6.33 22.23 -11.19
N LEU A 195 7.13 21.33 -10.62
CA LEU A 195 8.20 21.77 -9.71
C LEU A 195 9.30 22.52 -10.46
N LEU A 196 9.60 22.14 -11.68
CA LEU A 196 10.57 22.85 -12.51
C LEU A 196 9.96 24.03 -13.25
N ARG A 197 8.66 24.28 -13.09
CA ARG A 197 7.96 25.35 -13.80
C ARG A 197 8.24 25.27 -15.30
N HIS A 198 8.06 24.07 -15.85
CA HIS A 198 8.35 23.82 -17.25
C HIS A 198 7.41 24.62 -18.14
N LEU A 199 7.97 25.39 -19.06
CA LEU A 199 7.21 26.18 -20.02
C LEU A 199 7.15 25.48 -21.37
N MET A 200 6.13 25.84 -22.14
CA MET A 200 5.80 25.17 -23.39
C MET A 200 6.51 25.83 -24.57
N ASP A 201 6.89 25.00 -25.54
CA ASP A 201 7.54 25.47 -26.77
C ASP A 201 6.65 26.51 -27.45
N PRO A 202 7.19 27.67 -27.82
CA PRO A 202 6.34 28.68 -28.51
C PRO A 202 5.68 28.14 -29.77
N GLY A 203 6.46 27.49 -30.65
CA GLY A 203 5.88 26.93 -31.86
C GLY A 203 4.82 25.88 -31.56
N THR A 204 5.07 25.05 -30.55
CA THR A 204 4.07 24.06 -30.14
C THR A 204 2.76 24.74 -29.75
N PHE A 205 2.86 25.81 -28.95
CA PHE A 205 1.67 26.56 -28.54
C PHE A 205 0.91 27.10 -29.74
N THR A 206 1.60 27.85 -30.60
CA THR A 206 0.92 28.45 -31.75
C THR A 206 0.31 27.39 -32.66
N SER A 207 1.03 26.28 -32.88
CA SER A 207 0.51 25.23 -33.76
C SER A 207 -0.73 24.57 -33.17
N ASN A 208 -0.72 24.27 -31.86
CA ASN A 208 -1.79 23.48 -31.28
C ASN A 208 -2.99 24.30 -30.83
N PHE A 209 -2.80 25.55 -30.43
CA PHE A 209 -3.89 26.36 -29.88
C PHE A 209 -4.53 27.27 -30.93
N ASN A 210 -4.03 27.29 -32.16
CA ASN A 210 -4.68 27.99 -33.25
C ASN A 210 -6.15 27.58 -33.34
N ASN A 211 -7.05 28.54 -33.12
CA ASN A 211 -8.47 28.24 -33.16
C ASN A 211 -9.04 28.19 -34.57
N LYS A 212 -8.18 27.97 -35.55
CA LYS A 212 -8.64 27.69 -36.90
C LYS A 212 -9.48 26.42 -36.85
N PRO A 213 -10.61 26.36 -37.58
CA PRO A 213 -11.67 25.39 -37.23
C PRO A 213 -11.25 23.93 -37.16
N TRP A 214 -10.55 23.43 -38.18
CA TRP A 214 -10.13 22.02 -38.21
C TRP A 214 -8.72 21.84 -38.75
N VAL A 215 -8.29 22.71 -39.65
CA VAL A 215 -7.00 22.63 -40.33
C VAL A 215 -5.88 22.44 -39.32
N SER A 216 -5.47 21.19 -39.12
CA SER A 216 -4.43 20.83 -38.17
C SER A 216 -3.72 19.59 -38.72
N GLY A 217 -2.86 19.00 -37.91
CA GLY A 217 -2.20 17.76 -38.26
C GLY A 217 -2.93 16.56 -37.71
N GLN A 218 -2.18 15.61 -37.17
CA GLN A 218 -2.78 14.50 -36.46
C GLN A 218 -3.21 14.98 -35.07
N HIS A 219 -4.42 14.61 -34.68
CA HIS A 219 -5.07 15.21 -33.53
C HIS A 219 -4.31 14.96 -32.23
N GLU A 220 -3.99 16.03 -31.52
CA GLU A 220 -3.40 15.96 -30.18
C GLU A 220 -3.97 17.09 -29.33
N THR A 221 -4.18 16.81 -28.04
CA THR A 221 -4.80 17.75 -27.12
C THR A 221 -3.78 18.23 -26.10
N TYR A 222 -3.61 19.55 -26.01
CA TYR A 222 -2.79 20.18 -24.97
C TYR A 222 -3.70 20.85 -23.95
N LEU A 223 -3.38 20.68 -22.67
CA LEU A 223 -4.20 21.17 -21.57
C LEU A 223 -3.30 21.91 -20.59
N CYS A 224 -3.41 23.24 -20.56
CA CYS A 224 -2.80 24.03 -19.52
C CYS A 224 -3.76 24.12 -18.33
N TYR A 225 -3.22 24.06 -17.12
CA TYR A 225 -4.06 24.09 -15.94
C TYR A 225 -3.49 25.01 -14.87
N LYS A 226 -4.40 25.57 -14.07
CA LYS A 226 -4.10 26.50 -13.00
C LYS A 226 -5.14 26.30 -11.91
N VAL A 227 -4.76 26.60 -10.66
CA VAL A 227 -5.65 26.47 -9.51
C VAL A 227 -5.76 27.81 -8.82
N GLU A 228 -6.97 28.14 -8.39
CA GLU A 228 -7.26 29.28 -7.53
C GLU A 228 -8.02 28.81 -6.30
N ARG A 229 -7.97 29.60 -5.24
CA ARG A 229 -8.70 29.29 -4.01
C ARG A 229 -9.58 30.47 -3.64
N LEU A 230 -10.68 30.16 -2.96
CA LEU A 230 -11.65 31.18 -2.58
C LEU A 230 -11.20 31.90 -1.32
N HIS A 231 -11.34 33.23 -1.32
CA HIS A 231 -11.12 34.02 -0.11
C HIS A 231 -12.07 35.22 -0.16
N ASN A 232 -13.24 35.05 0.46
CA ASN A 232 -14.25 36.10 0.59
C ASN A 232 -14.68 36.64 -0.78
N ASP A 233 -15.27 35.75 -1.56
CA ASP A 233 -15.93 36.08 -2.83
C ASP A 233 -14.97 36.57 -3.90
N THR A 234 -13.67 36.36 -3.71
CA THR A 234 -12.66 36.69 -4.72
C THR A 234 -11.65 35.55 -4.79
N TRP A 235 -11.28 35.17 -6.00
CA TRP A 235 -10.37 34.05 -6.23
C TRP A 235 -8.92 34.50 -6.22
N VAL A 236 -8.09 33.78 -5.47
CA VAL A 236 -6.66 34.10 -5.34
C VAL A 236 -5.85 32.95 -5.95
N PRO A 237 -4.77 33.23 -6.68
CA PRO A 237 -4.04 32.16 -7.35
C PRO A 237 -3.30 31.24 -6.37
N LEU A 238 -3.11 30.00 -6.79
CA LEU A 238 -2.17 29.06 -6.18
C LEU A 238 -1.07 28.80 -7.20
N ASN A 239 0.08 29.44 -7.01
CA ASN A 239 1.14 29.42 -8.01
C ASN A 239 1.76 28.04 -8.21
N GLN A 240 1.63 27.15 -7.23
CA GLN A 240 2.29 25.85 -7.28
C GLN A 240 1.66 24.94 -8.33
N HIS A 241 0.42 24.52 -8.11
CA HIS A 241 -0.25 23.53 -8.98
C HIS A 241 -0.70 24.16 -10.28
N ARG A 242 0.28 24.55 -11.10
CA ARG A 242 -0.01 25.09 -12.43
C ARG A 242 1.00 24.53 -13.41
N GLY A 243 0.55 24.27 -14.63
CA GLY A 243 1.42 23.67 -15.63
C GLY A 243 0.65 23.32 -16.89
N PHE A 244 1.13 22.31 -17.60
CA PHE A 244 0.42 21.84 -18.77
C PHE A 244 0.80 20.40 -19.06
N LEU A 245 -0.12 19.67 -19.66
CA LEU A 245 0.09 18.28 -20.05
C LEU A 245 -0.50 18.06 -21.44
N ARG A 246 -0.24 16.89 -22.00
CA ARG A 246 -0.81 16.50 -23.28
C ARG A 246 -1.27 15.05 -23.18
N ASN A 247 -2.02 14.62 -24.19
CA ASN A 247 -2.51 13.25 -24.21
C ASN A 247 -1.34 12.28 -24.42
N GLN A 248 -1.39 11.16 -23.70
CA GLN A 248 -0.42 10.09 -23.89
C GLN A 248 -0.86 9.24 -25.07
N ALA A 249 -0.02 9.15 -26.09
CA ALA A 249 -0.34 8.32 -27.24
C ALA A 249 -0.26 6.84 -26.84
N PRO A 250 -1.00 5.97 -27.53
CA PRO A 250 -0.97 4.55 -27.18
C PRO A 250 0.45 3.98 -27.24
N ASN A 251 0.75 3.13 -26.25
CA ASN A 251 2.10 2.60 -26.08
C ASN A 251 2.00 1.27 -25.36
N ILE A 252 2.64 0.24 -25.92
CA ILE A 252 2.56 -1.11 -25.36
C ILE A 252 3.00 -1.10 -23.90
N HIS A 253 4.08 -0.38 -23.59
CA HIS A 253 4.62 -0.31 -22.24
C HIS A 253 4.20 0.96 -21.51
N GLY A 254 3.32 1.76 -22.11
CA GLY A 254 2.67 2.85 -21.43
C GLY A 254 1.20 2.57 -21.27
N PHE A 255 0.34 3.46 -21.76
CA PHE A 255 -1.09 3.20 -21.81
C PHE A 255 -1.40 2.57 -23.16
N PRO A 256 -1.70 1.27 -23.22
CA PRO A 256 -1.82 0.58 -24.52
C PRO A 256 -2.81 1.19 -25.50
N LYS A 257 -3.81 1.94 -25.03
CA LYS A 257 -4.75 2.59 -25.93
C LYS A 257 -4.74 4.10 -25.78
N GLY A 258 -3.78 4.65 -25.04
CA GLY A 258 -3.67 6.08 -24.88
C GLY A 258 -4.40 6.61 -23.66
N ARG A 259 -4.14 7.87 -23.35
CA ARG A 259 -4.83 8.58 -22.28
C ARG A 259 -5.05 10.03 -22.71
N HIS A 260 -6.31 10.39 -22.89
CA HIS A 260 -6.66 11.75 -23.28
C HIS A 260 -6.20 12.75 -22.24
N ALA A 261 -5.94 13.98 -22.68
CA ALA A 261 -5.46 15.03 -21.80
C ALA A 261 -6.37 15.21 -20.58
N ALA A 262 -7.69 15.26 -20.81
CA ALA A 262 -8.63 15.49 -19.71
C ALA A 262 -8.54 14.39 -18.66
N LEU A 263 -8.32 13.14 -19.09
CA LEU A 263 -8.21 12.05 -18.13
C LEU A 263 -6.94 12.17 -17.28
N CYS A 264 -5.81 12.48 -17.92
CA CYS A 264 -4.59 12.75 -17.16
C CYS A 264 -4.79 13.88 -16.17
N PHE A 265 -5.57 14.88 -16.57
CA PHE A 265 -5.82 16.04 -15.71
C PHE A 265 -6.65 15.64 -14.49
N LEU A 266 -7.71 14.87 -14.72
CA LEU A 266 -8.53 14.37 -13.62
C LEU A 266 -7.76 13.40 -12.74
N ASP A 267 -6.74 12.74 -13.29
CA ASP A 267 -5.86 11.91 -12.47
C ASP A 267 -4.96 12.78 -11.60
N LEU A 268 -4.51 13.92 -12.15
CA LEU A 268 -3.58 14.78 -11.43
C LEU A 268 -4.27 15.48 -10.26
N ILE A 269 -5.54 15.87 -10.43
CA ILE A 269 -6.21 16.67 -9.41
C ILE A 269 -6.18 16.02 -8.02
N PRO A 270 -6.58 14.75 -7.83
CA PRO A 270 -6.55 14.17 -6.47
C PRO A 270 -5.16 14.02 -5.91
N PHE A 271 -4.14 13.93 -6.77
CA PHE A 271 -2.77 13.85 -6.29
C PHE A 271 -2.34 15.12 -5.57
N TRP A 272 -2.98 16.25 -5.86
CA TRP A 272 -2.68 17.50 -5.18
C TRP A 272 -3.05 17.48 -3.71
N LYS A 273 -3.94 16.57 -3.30
CA LYS A 273 -4.46 16.51 -1.93
C LYS A 273 -4.91 17.90 -1.46
N LEU A 274 -5.92 18.42 -2.13
CA LEU A 274 -6.47 19.73 -1.79
C LEU A 274 -7.22 19.66 -0.47
N ASP A 275 -7.80 20.80 -0.07
CA ASP A 275 -8.43 20.93 1.23
C ASP A 275 -9.94 20.68 1.10
N GLY A 276 -10.67 20.98 2.17
CA GLY A 276 -12.12 21.09 2.11
C GLY A 276 -12.60 22.45 1.68
N GLN A 277 -11.68 23.41 1.56
CA GLN A 277 -11.99 24.73 1.03
C GLN A 277 -12.34 24.63 -0.45
N GLN A 278 -12.91 25.71 -0.98
CA GLN A 278 -13.34 25.74 -2.37
C GLN A 278 -12.18 26.11 -3.27
N TYR A 279 -11.96 25.30 -4.30
CA TYR A 279 -10.93 25.55 -5.30
C TYR A 279 -11.56 25.69 -6.67
N ARG A 280 -10.98 26.59 -7.48
CA ARG A 280 -11.34 26.80 -8.87
C ARG A 280 -10.21 26.25 -9.73
N VAL A 281 -10.45 25.14 -10.39
CA VAL A 281 -9.46 24.54 -11.28
C VAL A 281 -9.82 24.95 -12.71
N THR A 282 -8.98 25.78 -13.31
CA THR A 282 -9.20 26.26 -14.67
C THR A 282 -8.20 25.61 -15.62
N CYS A 283 -8.69 25.16 -16.77
CA CYS A 283 -7.83 24.59 -17.79
C CYS A 283 -8.14 25.23 -19.14
N PHE A 284 -7.13 25.22 -20.00
CA PHE A 284 -7.16 25.74 -21.36
C PHE A 284 -6.71 24.60 -22.26
N THR A 285 -7.68 23.99 -22.96
CA THR A 285 -7.44 22.85 -23.82
C THR A 285 -7.57 23.24 -25.28
N SER A 286 -6.64 22.75 -26.11
CA SER A 286 -6.71 23.04 -27.54
C SER A 286 -7.93 22.40 -28.19
N TRP A 287 -8.40 21.28 -27.65
CA TRP A 287 -9.63 20.64 -28.09
C TRP A 287 -10.58 20.51 -26.89
N SER A 288 -11.85 20.80 -27.12
CA SER A 288 -12.85 20.54 -26.09
C SER A 288 -12.91 19.03 -25.80
N PRO A 289 -13.27 18.64 -24.59
CA PRO A 289 -13.22 17.22 -24.22
C PRO A 289 -14.14 16.36 -25.10
N CYS A 290 -13.66 15.18 -25.43
CA CYS A 290 -14.46 14.20 -26.15
C CYS A 290 -15.56 13.65 -25.22
N PHE A 291 -16.34 12.70 -25.74
CA PHE A 291 -17.46 12.16 -24.97
C PHE A 291 -16.98 11.42 -23.73
N SER A 292 -15.94 10.60 -23.86
CA SER A 292 -15.43 9.84 -22.71
C SER A 292 -14.84 10.79 -21.68
N CYS A 293 -14.02 11.74 -22.13
CA CYS A 293 -13.51 12.78 -21.25
C CYS A 293 -14.64 13.49 -20.52
N ALA A 294 -15.68 13.89 -21.28
CA ALA A 294 -16.81 14.59 -20.69
C ALA A 294 -17.49 13.75 -19.62
N GLN A 295 -17.68 12.46 -19.88
CA GLN A 295 -18.30 11.58 -18.89
C GLN A 295 -17.47 11.52 -17.61
N GLU A 296 -16.16 11.36 -17.76
CA GLU A 296 -15.31 11.27 -16.57
C GLU A 296 -15.28 12.59 -15.80
N MET A 297 -15.27 13.72 -16.53
CA MET A 297 -15.28 15.02 -15.85
C MET A 297 -16.61 15.25 -15.14
N ALA A 298 -17.71 14.78 -15.72
CA ALA A 298 -19.00 14.88 -15.07
C ALA A 298 -19.02 14.08 -13.78
N LYS A 299 -18.49 12.86 -13.82
CA LYS A 299 -18.44 12.04 -12.60
C LYS A 299 -17.53 12.69 -11.55
N PHE A 300 -16.40 13.25 -11.98
CA PHE A 300 -15.50 13.93 -11.06
C PHE A 300 -16.19 15.09 -10.36
N ILE A 301 -16.87 15.94 -11.13
CA ILE A 301 -17.59 17.06 -10.53
C ILE A 301 -18.70 16.55 -9.62
N SER A 302 -19.39 15.48 -10.04
CA SER A 302 -20.43 14.89 -9.20
C SER A 302 -19.89 14.40 -7.87
N ASN A 303 -18.60 14.06 -7.81
CA ASN A 303 -18.02 13.49 -6.60
C ASN A 303 -16.97 14.38 -5.93
N ASN A 304 -16.80 15.63 -6.39
CA ASN A 304 -15.86 16.57 -5.79
C ASN A 304 -16.59 17.87 -5.46
N GLU A 305 -17.18 17.90 -4.25
CA GLU A 305 -17.95 19.06 -3.80
C GLU A 305 -17.16 20.36 -3.87
N HIS A 306 -15.90 20.35 -3.45
CA HIS A 306 -15.13 21.58 -3.26
C HIS A 306 -14.36 22.03 -4.50
N VAL A 307 -14.57 21.39 -5.64
CA VAL A 307 -13.78 21.65 -6.85
C VAL A 307 -14.71 22.18 -7.95
N SER A 308 -14.39 23.36 -8.47
CA SER A 308 -15.13 24.00 -9.54
C SER A 308 -14.30 23.94 -10.82
N LEU A 309 -14.79 23.25 -11.83
CA LEU A 309 -14.05 23.06 -13.08
C LEU A 309 -14.43 24.13 -14.09
N CYS A 310 -13.44 24.90 -14.54
CA CYS A 310 -13.59 25.88 -15.62
C CYS A 310 -12.82 25.39 -16.83
N ILE A 311 -13.52 25.13 -17.92
CA ILE A 311 -12.92 24.57 -19.14
C ILE A 311 -12.97 25.63 -20.22
N PHE A 312 -11.79 26.03 -20.73
CA PHE A 312 -11.68 26.91 -21.88
C PHE A 312 -11.12 26.12 -23.05
N ALA A 313 -11.94 25.88 -24.06
CA ALA A 313 -11.52 25.19 -25.26
C ALA A 313 -11.09 26.20 -26.32
N ALA A 314 -10.02 25.89 -27.04
CA ALA A 314 -9.64 26.70 -28.18
C ALA A 314 -10.40 26.29 -29.44
N ARG A 315 -10.75 25.01 -29.53
CA ARG A 315 -11.55 24.50 -30.64
C ARG A 315 -12.56 23.50 -30.08
N ILE A 316 -13.59 23.24 -30.86
CA ILE A 316 -14.58 22.22 -30.56
C ILE A 316 -14.18 20.95 -31.29
N TYR A 317 -13.84 19.91 -30.54
CA TYR A 317 -13.53 18.63 -31.14
C TYR A 317 -14.83 17.93 -31.50
N ASP A 318 -14.95 17.52 -32.77
CA ASP A 318 -16.13 16.80 -33.24
C ASP A 318 -15.77 15.32 -33.28
N ASP A 319 -16.08 14.62 -32.18
CA ASP A 319 -15.71 13.21 -32.02
C ASP A 319 -16.65 12.32 -32.83
N GLN A 320 -16.62 12.52 -34.15
CA GLN A 320 -17.42 11.75 -35.10
C GLN A 320 -18.87 11.61 -34.64
N GLY A 321 -19.42 12.67 -34.05
CA GLY A 321 -20.83 12.71 -33.72
C GLY A 321 -21.15 13.04 -32.27
N ARG A 322 -20.39 12.50 -31.32
CA ARG A 322 -20.76 12.60 -29.90
C ARG A 322 -20.50 13.96 -29.28
N TYR A 323 -19.94 14.94 -30.02
CA TYR A 323 -19.41 16.12 -29.38
C TYR A 323 -20.50 16.96 -28.72
N GLN A 324 -21.65 17.07 -29.39
CA GLN A 324 -22.75 17.87 -28.86
C GLN A 324 -23.29 17.26 -27.57
N GLU A 325 -23.51 15.95 -27.58
CA GLU A 325 -24.07 15.27 -26.42
C GLU A 325 -23.10 15.32 -25.24
N GLY A 326 -21.80 15.12 -25.51
CA GLY A 326 -20.81 15.24 -24.45
C GLY A 326 -20.74 16.63 -23.86
N LEU A 327 -20.74 17.65 -24.72
CA LEU A 327 -20.71 19.02 -24.23
C LEU A 327 -21.95 19.34 -23.40
N ARG A 328 -23.11 18.84 -23.84
CA ARG A 328 -24.33 19.10 -23.09
C ARG A 328 -24.33 18.38 -21.74
N THR A 329 -23.84 17.14 -21.69
CA THR A 329 -23.71 16.45 -20.41
C THR A 329 -22.75 17.20 -19.47
N LEU A 330 -21.60 17.63 -20.01
CA LEU A 330 -20.63 18.35 -19.21
C LEU A 330 -21.19 19.67 -18.68
N HIS A 331 -22.01 20.34 -19.50
CA HIS A 331 -22.65 21.57 -19.07
C HIS A 331 -23.76 21.31 -18.06
N ARG A 332 -24.46 20.19 -18.21
CA ARG A 332 -25.60 19.81 -17.38
C ARG A 332 -25.19 19.10 -16.10
N ASP A 333 -23.88 18.85 -15.90
CA ASP A 333 -23.43 18.15 -14.70
C ASP A 333 -22.49 18.94 -13.81
N GLY A 334 -22.07 20.14 -14.22
CA GLY A 334 -21.32 21.00 -13.31
C GLY A 334 -20.35 21.95 -13.98
N ALA A 335 -19.61 21.44 -14.97
CA ALA A 335 -18.50 22.20 -15.54
C ALA A 335 -18.98 23.49 -16.20
N LYS A 336 -18.18 24.54 -16.04
CA LYS A 336 -18.36 25.78 -16.79
C LYS A 336 -17.45 25.71 -18.02
N ILE A 337 -18.03 25.96 -19.19
CA ILE A 337 -17.34 25.78 -20.46
C ILE A 337 -17.43 27.06 -21.27
N ALA A 338 -16.29 27.57 -21.72
CA ALA A 338 -16.23 28.73 -22.59
C ALA A 338 -15.24 28.45 -23.70
N MET A 339 -15.31 29.24 -24.77
CA MET A 339 -14.32 29.20 -25.83
C MET A 339 -13.35 30.35 -25.64
N MET A 340 -12.07 30.07 -25.79
CA MET A 340 -11.03 31.07 -25.59
C MET A 340 -11.18 32.23 -26.56
N ASN A 341 -11.32 33.44 -26.00
CA ASN A 341 -11.20 34.66 -26.76
C ASN A 341 -9.74 35.12 -26.73
N TYR A 342 -9.47 36.33 -27.25
CA TYR A 342 -8.11 36.84 -27.32
C TYR A 342 -7.43 36.82 -25.95
N SER A 343 -8.13 37.32 -24.93
CA SER A 343 -7.53 37.47 -23.60
C SER A 343 -6.99 36.13 -23.09
N GLU A 344 -7.73 35.05 -23.29
CA GLU A 344 -7.29 33.75 -22.79
C GLU A 344 -6.05 33.27 -23.53
N PHE A 345 -6.01 33.43 -24.85
CA PHE A 345 -4.82 33.06 -25.62
C PHE A 345 -3.60 33.87 -25.19
N GLU A 346 -3.79 35.18 -24.96
CA GLU A 346 -2.67 36.01 -24.54
C GLU A 346 -2.19 35.64 -23.14
N TYR A 347 -3.14 35.32 -22.24
CA TYR A 347 -2.77 34.87 -20.91
C TYR A 347 -1.99 33.57 -20.95
N CYS A 348 -2.42 32.62 -21.78
CA CYS A 348 -1.69 31.36 -21.93
C CYS A 348 -0.30 31.59 -22.50
N TRP A 349 -0.20 32.46 -23.51
CA TRP A 349 1.11 32.79 -24.08
C TRP A 349 2.03 33.37 -23.02
N ASP A 350 1.52 34.29 -22.19
CA ASP A 350 2.34 34.90 -21.15
C ASP A 350 2.74 33.89 -20.07
N THR A 351 1.79 33.07 -19.62
CA THR A 351 1.98 32.24 -18.43
C THR A 351 2.68 30.93 -18.73
N PHE A 352 2.14 30.14 -19.67
CA PHE A 352 2.56 28.75 -19.84
C PHE A 352 3.59 28.56 -20.95
N VAL A 353 3.86 29.58 -21.76
CA VAL A 353 4.68 29.44 -22.95
C VAL A 353 6.08 29.98 -22.68
N ASP A 354 7.10 29.31 -23.23
CA ASP A 354 8.49 29.75 -23.16
C ASP A 354 8.72 30.91 -24.13
N ARG A 355 8.02 32.02 -23.87
CA ARG A 355 7.99 33.12 -24.82
C ARG A 355 9.33 33.87 -24.93
N GLN A 356 10.23 33.69 -23.96
CA GLN A 356 11.57 34.31 -23.99
C GLN A 356 11.50 35.83 -24.11
N GLY A 357 10.39 36.43 -23.67
CA GLY A 357 10.25 37.87 -23.66
C GLY A 357 9.48 38.44 -24.84
N ARG A 358 9.12 37.62 -25.81
CA ARG A 358 8.43 38.10 -27.00
C ARG A 358 6.93 38.20 -26.73
N PRO A 359 6.27 39.25 -27.22
CA PRO A 359 4.83 39.41 -26.96
C PRO A 359 4.00 38.45 -27.82
N PHE A 360 2.72 38.38 -27.47
CA PHE A 360 1.78 37.50 -28.16
C PHE A 360 1.49 38.03 -29.56
N GLN A 361 1.82 37.24 -30.58
CA GLN A 361 1.45 37.55 -31.95
C GLN A 361 0.12 36.90 -32.28
N PRO A 362 -0.95 37.66 -32.48
CA PRO A 362 -2.26 37.04 -32.78
C PRO A 362 -2.27 36.50 -34.20
N TRP A 363 -2.52 35.20 -34.34
CA TRP A 363 -2.66 34.59 -35.65
C TRP A 363 -3.88 35.18 -36.38
N ASP A 364 -3.87 35.04 -37.70
CA ASP A 364 -4.85 35.74 -38.53
C ASP A 364 -6.26 35.24 -38.27
N GLY A 365 -7.16 36.17 -37.97
CA GLY A 365 -8.57 35.85 -37.80
C GLY A 365 -8.96 35.39 -36.42
N LEU A 366 -8.16 35.70 -35.40
CA LEU A 366 -8.40 35.14 -34.07
C LEU A 366 -9.78 35.53 -33.53
N ASP A 367 -10.10 36.81 -33.52
CA ASP A 367 -11.36 37.26 -32.93
C ASP A 367 -12.57 36.71 -33.68
N GLU A 368 -12.49 36.68 -35.01
CA GLU A 368 -13.57 36.11 -35.81
C GLU A 368 -13.80 34.65 -35.45
N HIS A 369 -12.72 33.87 -35.39
CA HIS A 369 -12.83 32.45 -35.05
C HIS A 369 -13.36 32.27 -33.64
N SER A 370 -12.90 33.10 -32.70
CA SER A 370 -13.37 33.01 -31.32
C SER A 370 -14.86 33.27 -31.22
N GLN A 371 -15.36 34.29 -31.92
CA GLN A 371 -16.79 34.58 -31.91
C GLN A 371 -17.58 33.44 -32.55
N ALA A 372 -17.07 32.89 -33.66
CA ALA A 372 -17.75 31.77 -34.31
C ALA A 372 -17.81 30.55 -33.39
N LEU A 373 -16.70 30.23 -32.73
CA LEU A 373 -16.68 29.11 -31.79
C LEU A 373 -17.63 29.35 -30.62
N SER A 374 -17.67 30.58 -30.11
CA SER A 374 -18.60 30.93 -29.05
C SER A 374 -20.04 30.71 -29.50
N GLY A 375 -20.36 31.10 -30.74
CA GLY A 375 -21.70 30.88 -31.24
C GLY A 375 -22.04 29.41 -31.36
N ARG A 376 -21.09 28.62 -31.87
CA ARG A 376 -21.31 27.17 -31.94
C ARG A 376 -21.56 26.58 -30.57
N LEU A 377 -20.76 26.96 -29.57
CA LEU A 377 -20.93 26.42 -28.23
C LEU A 377 -22.27 26.85 -27.63
N ARG A 378 -22.66 28.09 -27.85
CA ARG A 378 -23.95 28.57 -27.37
C ARG A 378 -25.09 27.80 -28.01
N ALA A 379 -25.01 27.53 -29.31
CA ALA A 379 -26.04 26.73 -29.97
C ALA A 379 -26.05 25.30 -29.44
N ILE A 380 -24.88 24.74 -29.14
CA ILE A 380 -24.80 23.38 -28.63
C ILE A 380 -25.46 23.28 -27.26
N LEU A 381 -25.16 24.24 -26.37
CA LEU A 381 -25.68 24.15 -25.01
C LEU A 381 -27.17 24.46 -24.94
N GLN A 382 -27.65 25.40 -25.76
CA GLN A 382 -29.03 25.84 -25.68
C GLN A 382 -29.97 25.06 -26.60
N ASN A 383 -29.48 23.98 -27.22
CA ASN A 383 -30.32 23.09 -28.03
C ASN A 383 -31.01 22.08 -27.13
N GLN A 384 -32.21 22.43 -26.65
CA GLN A 384 -32.87 21.56 -25.69
C GLN A 384 -33.36 20.29 -26.38
N GLY A 385 -33.73 19.31 -25.57
CA GLY A 385 -34.17 18.02 -26.08
C GLY A 385 -35.66 17.81 -26.14
N ASN A 386 -36.24 17.37 -25.02
CA ASN A 386 -37.68 17.11 -24.93
C ASN A 386 -38.48 18.41 -24.89
N MET B 8 -39.02 3.56 35.61
CA MET B 8 -39.50 2.78 34.48
C MET B 8 -40.02 3.68 33.36
N LYS B 9 -39.38 4.84 33.19
CA LYS B 9 -39.74 5.72 32.08
C LYS B 9 -39.16 5.16 30.78
N PRO B 10 -39.94 5.08 29.71
CA PRO B 10 -39.49 4.40 28.50
C PRO B 10 -38.50 5.23 27.70
N GLN B 11 -37.52 4.53 27.12
CA GLN B 11 -36.54 5.14 26.23
C GLN B 11 -36.74 4.57 24.84
N ILE B 12 -36.99 5.45 23.87
CA ILE B 12 -37.05 5.00 22.48
C ILE B 12 -35.64 4.60 22.04
N ARG B 13 -35.58 3.67 21.09
CA ARG B 13 -34.30 3.02 20.78
C ARG B 13 -33.17 3.99 20.53
N ASN B 14 -33.38 4.95 19.61
CA ASN B 14 -32.40 5.91 19.09
C ASN B 14 -31.76 5.29 17.86
N MET B 15 -32.53 5.17 16.77
CA MET B 15 -32.04 4.59 15.53
C MET B 15 -30.73 5.24 15.10
N VAL B 16 -29.72 4.40 14.87
CA VAL B 16 -28.37 4.87 14.61
C VAL B 16 -28.33 5.76 13.37
N GLU B 17 -27.60 6.86 13.47
CA GLU B 17 -27.27 7.70 12.33
C GLU B 17 -26.04 7.09 11.66
N PRO B 18 -26.22 6.41 10.53
CA PRO B 18 -25.15 5.53 10.01
C PRO B 18 -24.01 6.33 9.39
N MET B 19 -22.88 5.65 9.24
CA MET B 19 -21.73 6.19 8.53
C MET B 19 -21.83 5.83 7.05
N ASP B 20 -21.40 6.74 6.19
CA ASP B 20 -21.49 6.50 4.76
C ASP B 20 -20.47 5.45 4.33
N PRO B 21 -20.77 4.71 3.26
CA PRO B 21 -19.89 3.58 2.88
C PRO B 21 -18.44 3.96 2.63
N ARG B 22 -18.18 5.18 2.15
CA ARG B 22 -16.81 5.67 1.99
C ARG B 22 -16.01 5.48 3.27
N THR B 23 -16.52 6.06 4.36
CA THR B 23 -15.80 6.04 5.63
C THR B 23 -15.63 4.62 6.16
N PHE B 24 -16.69 3.82 6.10
CA PHE B 24 -16.61 2.44 6.59
C PHE B 24 -15.58 1.64 5.81
N VAL B 25 -15.67 1.65 4.48
CA VAL B 25 -14.73 0.89 3.66
C VAL B 25 -13.29 1.31 3.95
N SER B 26 -13.05 2.61 4.12
CA SER B 26 -11.68 3.06 4.40
C SER B 26 -11.24 2.62 5.81
N ASN B 27 -12.08 2.85 6.82
CA ASN B 27 -11.66 2.74 8.20
C ASN B 27 -11.72 1.31 8.74
N PHE B 28 -12.44 0.42 8.08
CA PHE B 28 -12.57 -0.96 8.54
C PHE B 28 -11.86 -1.97 7.64
N ASN B 29 -11.14 -1.51 6.63
CA ASN B 29 -10.21 -2.37 5.92
C ASN B 29 -9.26 -3.02 6.92
N ASN B 30 -9.17 -4.34 6.88
CA ASN B 30 -8.43 -5.09 7.89
C ASN B 30 -7.02 -5.47 7.44
N ARG B 31 -6.42 -4.70 6.54
CA ARG B 31 -5.00 -4.88 6.25
C ARG B 31 -4.22 -4.64 7.53
N PRO B 32 -3.47 -5.63 8.04
CA PRO B 32 -2.88 -5.49 9.37
C PRO B 32 -2.02 -4.25 9.54
N ILE B 33 -1.24 -3.88 8.53
CA ILE B 33 -0.45 -2.65 8.55
C ILE B 33 -1.10 -1.68 7.58
N LEU B 34 -1.78 -0.67 8.11
CA LEU B 34 -2.55 0.26 7.31
C LEU B 34 -2.33 1.67 7.82
N SER B 35 -1.68 2.51 7.03
CA SER B 35 -1.42 3.89 7.38
C SER B 35 -2.48 4.81 6.78
N GLY B 36 -2.62 5.99 7.39
CA GLY B 36 -3.55 7.01 6.94
C GLY B 36 -4.80 7.16 7.77
N LEU B 37 -5.12 6.18 8.62
CA LEU B 37 -6.28 6.26 9.49
C LEU B 37 -5.87 6.93 10.80
N ASP B 38 -6.37 8.14 11.02
CA ASP B 38 -6.14 8.87 12.26
C ASP B 38 -7.30 8.79 13.22
N THR B 39 -8.49 8.43 12.74
CA THR B 39 -9.66 8.24 13.58
C THR B 39 -9.90 6.75 13.81
N VAL B 40 -10.43 6.43 14.98
CA VAL B 40 -10.98 5.12 15.30
C VAL B 40 -12.49 5.24 15.37
N TRP B 41 -13.18 4.34 14.67
CA TRP B 41 -14.63 4.24 14.67
C TRP B 41 -15.06 3.05 15.51
N LEU B 42 -16.04 3.24 16.38
CA LEU B 42 -16.52 2.16 17.23
C LEU B 42 -18.04 2.12 17.11
N CYS B 43 -18.57 0.95 16.81
CA CYS B 43 -20.01 0.73 16.66
C CYS B 43 -20.46 -0.24 17.75
N CYS B 44 -21.18 0.27 18.75
CA CYS B 44 -21.62 -0.56 19.87
C CYS B 44 -23.09 -0.93 19.73
N GLU B 45 -23.43 -2.11 20.26
CA GLU B 45 -24.80 -2.62 20.29
C GLU B 45 -25.05 -3.32 21.61
N VAL B 46 -26.15 -2.97 22.27
CA VAL B 46 -26.55 -3.53 23.56
C VAL B 46 -27.78 -4.41 23.37
N LYS B 47 -27.63 -5.69 23.75
CA LYS B 47 -28.64 -6.74 23.88
C LYS B 47 -28.78 -7.13 25.36
N THR B 48 -29.65 -8.11 25.66
CA THR B 48 -30.01 -8.41 27.05
C THR B 48 -29.48 -9.70 27.67
N LYS B 49 -29.19 -10.75 26.88
CA LYS B 49 -28.75 -12.11 27.28
C LYS B 49 -29.66 -13.07 26.55
N ASP B 50 -29.98 -12.72 25.33
CA ASP B 50 -30.94 -13.42 24.50
C ASP B 50 -30.70 -13.00 23.06
N PRO B 51 -30.24 -13.92 22.20
CA PRO B 51 -30.09 -13.57 20.78
C PRO B 51 -31.39 -13.59 20.01
N SER B 52 -32.43 -14.21 20.55
CA SER B 52 -33.73 -14.24 19.89
C SER B 52 -34.59 -13.05 20.26
N GLY B 53 -34.01 -12.02 20.88
CA GLY B 53 -34.68 -10.78 21.12
C GLY B 53 -33.95 -9.65 20.43
N PRO B 54 -34.68 -8.76 19.75
CA PRO B 54 -34.04 -7.71 18.96
C PRO B 54 -33.17 -6.82 19.83
N PRO B 55 -32.04 -6.34 19.31
CA PRO B 55 -31.16 -5.46 20.09
C PRO B 55 -31.92 -4.29 20.72
N LEU B 56 -31.41 -3.83 21.86
CA LEU B 56 -32.02 -2.70 22.54
C LEU B 56 -31.46 -1.37 22.04
N ASP B 57 -30.13 -1.26 21.89
CA ASP B 57 -29.63 0.05 21.47
C ASP B 57 -28.35 -0.09 20.66
N ALA B 58 -28.17 0.79 19.69
CA ALA B 58 -26.96 0.76 18.87
C ALA B 58 -26.50 2.18 18.64
N LYS B 59 -25.21 2.43 18.87
CA LYS B 59 -24.68 3.78 18.71
C LYS B 59 -23.27 3.75 18.11
N ILE B 60 -22.99 4.70 17.23
CA ILE B 60 -21.67 4.87 16.64
C ILE B 60 -20.96 6.02 17.32
N PHE B 61 -19.72 5.78 17.72
CA PHE B 61 -18.81 6.81 18.22
C PHE B 61 -17.58 6.86 17.33
N GLN B 62 -16.94 8.03 17.28
CA GLN B 62 -15.69 8.16 16.55
C GLN B 62 -14.74 9.02 17.38
N GLY B 63 -13.45 8.91 17.08
CA GLY B 63 -12.50 9.73 17.80
C GLY B 63 -11.04 9.60 17.36
N LYS B 64 -10.27 10.66 17.54
CA LYS B 64 -8.85 10.62 17.20
C LYS B 64 -8.13 9.58 18.05
N VAL B 65 -7.02 9.06 17.50
CA VAL B 65 -6.28 7.99 18.16
C VAL B 65 -5.26 8.48 19.18
N TYR B 66 -4.90 9.76 19.15
CA TYR B 66 -3.79 10.23 19.98
C TYR B 66 -4.25 10.53 21.40
N PRO B 67 -3.28 10.74 22.33
CA PRO B 67 -3.59 11.24 23.68
C PRO B 67 -4.56 12.41 23.75
N LYS B 68 -4.91 12.76 25.00
CA LYS B 68 -6.16 13.41 25.38
C LYS B 68 -7.23 12.32 25.22
N ALA B 69 -7.02 11.23 25.94
CA ALA B 69 -7.85 10.04 25.84
C ALA B 69 -9.31 10.29 26.25
N LYS B 70 -9.60 11.46 26.84
CA LYS B 70 -10.98 11.84 27.11
C LYS B 70 -11.86 11.65 25.88
N TYR B 71 -11.35 12.04 24.71
CA TYR B 71 -12.12 12.05 23.49
C TYR B 71 -11.97 10.77 22.67
N HIS B 72 -11.27 9.75 23.19
CA HIS B 72 -11.27 8.47 22.51
C HIS B 72 -12.68 7.91 22.48
N PRO B 73 -13.08 7.23 21.39
CA PRO B 73 -14.44 6.68 21.34
C PRO B 73 -14.75 5.69 22.45
N GLU B 74 -13.73 5.02 23.00
CA GLU B 74 -13.95 4.11 24.12
C GLU B 74 -14.52 4.86 25.32
N MET B 75 -13.92 6.02 25.64
CA MET B 75 -14.36 6.82 26.78
C MET B 75 -15.74 7.44 26.53
N ARG B 76 -15.98 7.90 25.30
CA ARG B 76 -17.28 8.45 24.97
C ARG B 76 -18.38 7.39 25.09
N PHE B 77 -18.08 6.16 24.67
CA PHE B 77 -19.03 5.07 24.88
C PHE B 77 -19.25 4.81 26.37
N LEU B 78 -18.18 4.82 27.16
CA LEU B 78 -18.34 4.59 28.60
C LEU B 78 -19.27 5.62 29.23
N ARG B 79 -19.06 6.90 28.89
CA ARG B 79 -19.94 7.95 29.40
C ARG B 79 -21.38 7.72 28.94
N TRP B 80 -21.58 7.46 27.64
CA TRP B 80 -22.93 7.23 27.12
C TRP B 80 -23.60 6.05 27.83
N PHE B 81 -22.86 4.96 28.07
CA PHE B 81 -23.48 3.73 28.54
C PHE B 81 -23.71 3.75 30.05
N HIS B 82 -22.93 4.49 30.83
CA HIS B 82 -23.29 4.67 32.23
C HIS B 82 -24.69 5.30 32.35
N LYS B 83 -24.90 6.42 31.65
CA LYS B 83 -26.21 7.04 31.61
C LYS B 83 -27.27 6.07 31.10
N TRP B 84 -26.97 5.38 29.99
CA TRP B 84 -27.92 4.41 29.44
C TRP B 84 -28.34 3.38 30.49
N ARG B 85 -27.39 2.89 31.29
CA ARG B 85 -27.75 1.94 32.33
C ARG B 85 -28.61 2.58 33.41
N GLN B 86 -28.32 3.83 33.78
CA GLN B 86 -29.11 4.47 34.82
C GLN B 86 -30.56 4.65 34.38
N LEU B 87 -30.84 4.60 33.08
CA LEU B 87 -32.17 4.84 32.54
C LEU B 87 -32.94 3.57 32.19
N HIS B 88 -32.33 2.39 32.28
CA HIS B 88 -32.98 1.16 31.86
C HIS B 88 -33.10 0.18 33.03
N HIS B 89 -33.92 -0.84 32.80
CA HIS B 89 -34.10 -1.92 33.77
C HIS B 89 -32.76 -2.53 34.15
N ASP B 90 -32.59 -2.81 35.43
CA ASP B 90 -31.34 -3.38 35.93
C ASP B 90 -31.36 -4.89 35.69
N GLN B 91 -30.67 -5.32 34.64
CA GLN B 91 -30.57 -6.72 34.30
C GLN B 91 -29.23 -6.94 33.61
N GLU B 92 -28.99 -8.18 33.19
CA GLU B 92 -27.75 -8.51 32.51
C GLU B 92 -27.82 -7.96 31.08
N TYR B 93 -26.74 -7.33 30.61
CA TYR B 93 -26.67 -6.81 29.26
C TYR B 93 -25.44 -7.34 28.54
N LYS B 94 -25.54 -7.42 27.22
CA LYS B 94 -24.49 -7.92 26.33
C LYS B 94 -24.14 -6.78 25.38
N VAL B 95 -22.99 -6.15 25.60
CA VAL B 95 -22.47 -5.11 24.72
C VAL B 95 -21.53 -5.75 23.71
N THR B 96 -21.69 -5.36 22.44
CA THR B 96 -20.80 -5.75 21.36
C THR B 96 -20.19 -4.50 20.75
N TRP B 97 -18.88 -4.53 20.53
CA TRP B 97 -18.16 -3.48 19.83
C TRP B 97 -17.67 -3.99 18.49
N TYR B 98 -17.83 -3.16 17.46
CA TYR B 98 -17.08 -3.28 16.22
C TYR B 98 -16.17 -2.05 16.17
N VAL B 99 -14.90 -2.23 16.49
CA VAL B 99 -13.97 -1.11 16.59
C VAL B 99 -12.86 -1.29 15.56
N SER B 100 -12.49 -0.19 14.90
CA SER B 100 -11.54 -0.26 13.79
C SER B 100 -10.12 -0.49 14.29
N TRP B 101 -9.75 0.11 15.42
CA TRP B 101 -8.43 -0.07 16.03
C TRP B 101 -8.58 -0.68 17.41
N SER B 102 -7.58 -1.46 17.81
CA SER B 102 -7.57 -1.98 19.17
C SER B 102 -7.32 -0.84 20.16
N PRO B 103 -7.86 -0.95 21.37
CA PRO B 103 -7.83 0.18 22.30
C PRO B 103 -6.45 0.42 22.89
N CYS B 104 -6.31 1.59 23.50
CA CYS B 104 -5.09 2.03 24.18
C CYS B 104 -5.13 1.67 25.66
N THR B 105 -4.01 1.92 26.34
CA THR B 105 -3.89 1.54 27.75
C THR B 105 -4.82 2.35 28.66
N ARG B 106 -4.89 3.66 28.45
CA ARG B 106 -5.79 4.49 29.26
C ARG B 106 -7.23 4.00 29.14
N CYS B 107 -7.71 3.84 27.91
CA CYS B 107 -9.07 3.37 27.69
C CYS B 107 -9.25 1.95 28.20
N ALA B 108 -8.24 1.09 28.04
CA ALA B 108 -8.35 -0.27 28.53
C ALA B 108 -8.52 -0.30 30.05
N ASN B 109 -7.77 0.56 30.76
CA ASN B 109 -7.92 0.65 32.21
C ASN B 109 -9.28 1.20 32.59
N SER B 110 -9.78 2.21 31.87
CA SER B 110 -11.11 2.72 32.14
C SER B 110 -12.18 1.64 31.93
N VAL B 111 -12.03 0.84 30.88
CA VAL B 111 -13.00 -0.22 30.58
C VAL B 111 -12.93 -1.30 31.64
N ALA B 112 -11.73 -1.72 32.04
CA ALA B 112 -11.59 -2.68 33.13
C ALA B 112 -12.24 -2.18 34.40
N THR B 113 -12.01 -0.90 34.73
CA THR B 113 -12.65 -0.29 35.89
C THR B 113 -14.16 -0.38 35.80
N PHE B 114 -14.71 0.00 34.64
CA PHE B 114 -16.16 -0.01 34.48
C PHE B 114 -16.71 -1.43 34.59
N LEU B 115 -16.01 -2.41 34.01
CA LEU B 115 -16.47 -3.79 34.08
C LEU B 115 -16.42 -4.33 35.52
N ALA B 116 -15.43 -3.90 36.30
CA ALA B 116 -15.41 -4.28 37.71
C ALA B 116 -16.55 -3.61 38.47
N LYS B 117 -16.80 -2.32 38.19
CA LYS B 117 -17.87 -1.61 38.86
C LYS B 117 -19.24 -2.17 38.49
N ASP B 118 -19.40 -2.58 37.23
CA ASP B 118 -20.69 -3.02 36.69
C ASP B 118 -20.57 -4.47 36.21
N PRO B 119 -20.66 -5.44 37.13
CA PRO B 119 -20.46 -6.83 36.74
C PRO B 119 -21.61 -7.45 35.95
N LYS B 120 -22.75 -6.76 35.80
CA LYS B 120 -23.85 -7.32 35.03
C LYS B 120 -23.66 -7.16 33.53
N VAL B 121 -22.68 -6.37 33.09
CA VAL B 121 -22.45 -6.12 31.68
C VAL B 121 -21.37 -7.07 31.18
N THR B 122 -21.68 -7.80 30.10
CA THR B 122 -20.70 -8.62 29.40
C THR B 122 -20.33 -7.92 28.10
N LEU B 123 -19.03 -7.67 27.92
CA LEU B 123 -18.52 -6.92 26.77
C LEU B 123 -17.75 -7.83 25.83
N THR B 124 -18.08 -7.79 24.55
CA THR B 124 -17.36 -8.48 23.50
C THR B 124 -16.85 -7.45 22.50
N ILE B 125 -15.56 -7.53 22.17
CA ILE B 125 -14.92 -6.56 21.27
C ILE B 125 -14.45 -7.31 20.03
N PHE B 126 -14.92 -6.86 18.86
CA PHE B 126 -14.39 -7.28 17.57
C PHE B 126 -13.59 -6.13 16.99
N VAL B 127 -12.29 -6.34 16.78
CA VAL B 127 -11.41 -5.32 16.22
C VAL B 127 -11.19 -5.62 14.75
N ALA B 128 -11.13 -4.57 13.94
CA ALA B 128 -10.80 -4.74 12.53
C ALA B 128 -9.30 -4.96 12.35
N ARG B 129 -8.49 -4.13 13.00
CA ARG B 129 -7.05 -4.25 12.97
C ARG B 129 -6.50 -4.10 14.38
N LEU B 130 -5.38 -4.77 14.63
CA LEU B 130 -4.67 -4.62 15.90
C LEU B 130 -3.77 -3.38 15.84
N TYR B 131 -3.98 -2.47 16.79
CA TYR B 131 -3.28 -1.19 16.81
C TYR B 131 -2.01 -1.32 17.63
N TYR B 132 -0.85 -1.11 16.99
CA TYR B 132 0.45 -1.20 17.63
C TYR B 132 0.62 -2.54 18.35
N PHE B 133 0.38 -3.63 17.61
CA PHE B 133 0.46 -4.95 18.22
C PHE B 133 1.88 -5.33 18.62
N TRP B 134 2.89 -4.61 18.12
CA TRP B 134 4.27 -4.83 18.54
C TRP B 134 4.67 -3.98 19.73
N ASP B 135 4.01 -2.84 19.93
CA ASP B 135 4.27 -2.01 21.10
C ASP B 135 3.87 -2.77 22.35
N PRO B 136 4.76 -2.90 23.35
CA PRO B 136 4.40 -3.63 24.57
C PRO B 136 3.12 -3.15 25.26
N ASP B 137 2.90 -1.83 25.33
CA ASP B 137 1.81 -1.33 26.15
C ASP B 137 0.44 -1.59 25.53
N TYR B 138 0.34 -1.63 24.20
CA TYR B 138 -0.95 -1.97 23.59
C TYR B 138 -1.28 -3.45 23.78
N GLN B 139 -0.26 -4.31 23.79
CA GLN B 139 -0.46 -5.71 24.16
C GLN B 139 -0.92 -5.81 25.62
N GLN B 140 -0.30 -5.03 26.50
CA GLN B 140 -0.75 -4.99 27.88
C GLN B 140 -2.20 -4.52 27.99
N ALA B 141 -2.59 -3.58 27.12
CA ALA B 141 -3.99 -3.13 27.09
C ALA B 141 -4.92 -4.27 26.70
N LEU B 142 -4.57 -5.01 25.65
CA LEU B 142 -5.36 -6.17 25.25
C LEU B 142 -5.48 -7.16 26.42
N ARG B 143 -4.40 -7.36 27.17
CA ARG B 143 -4.45 -8.28 28.30
C ARG B 143 -5.33 -7.73 29.43
N ILE B 144 -5.24 -6.42 29.69
CA ILE B 144 -6.11 -5.80 30.68
C ILE B 144 -7.56 -6.04 30.33
N LEU B 145 -7.92 -5.87 29.06
CA LEU B 145 -9.29 -6.08 28.62
C LEU B 145 -9.70 -7.55 28.79
N ALA B 146 -8.93 -8.47 28.23
CA ALA B 146 -9.28 -9.88 28.32
C ALA B 146 -9.42 -10.33 29.77
N GLU B 147 -8.58 -9.83 30.66
CA GLU B 147 -8.67 -10.27 32.05
C GLU B 147 -9.83 -9.61 32.77
N ALA B 148 -10.19 -8.37 32.42
CA ALA B 148 -11.33 -7.74 33.07
C ALA B 148 -12.65 -8.40 32.68
N GLY B 149 -12.64 -9.34 31.73
CA GLY B 149 -13.84 -10.05 31.36
C GLY B 149 -14.14 -10.02 29.87
N ALA B 150 -13.65 -9.00 29.19
CA ALA B 150 -14.03 -8.78 27.80
C ALA B 150 -13.51 -9.88 26.89
N THR B 151 -14.32 -10.26 25.90
CA THR B 151 -13.94 -11.24 24.89
C THR B 151 -13.35 -10.51 23.69
N MET B 152 -12.06 -10.67 23.48
CA MET B 152 -11.36 -10.02 22.37
C MET B 152 -11.39 -10.94 21.15
N LYS B 153 -11.81 -10.40 20.00
CA LYS B 153 -11.87 -11.17 18.77
C LYS B 153 -11.52 -10.25 17.60
N ILE B 154 -11.23 -10.88 16.47
CA ILE B 154 -11.00 -10.19 15.19
C ILE B 154 -12.28 -10.25 14.39
N MET B 155 -12.59 -9.17 13.67
CA MET B 155 -13.73 -9.17 12.78
C MET B 155 -13.48 -10.07 11.58
N ASN B 156 -14.38 -11.01 11.35
CA ASN B 156 -14.35 -11.81 10.14
C ASN B 156 -15.45 -11.32 9.19
N TYR B 157 -15.63 -12.05 8.08
CA TYR B 157 -16.60 -11.64 7.07
C TYR B 157 -18.00 -11.44 7.65
N ASN B 158 -18.43 -12.34 8.54
CA ASN B 158 -19.76 -12.22 9.13
C ASN B 158 -19.89 -10.92 9.91
N GLU B 159 -18.86 -10.58 10.69
CA GLU B 159 -18.95 -9.36 11.51
C GLU B 159 -18.86 -8.10 10.66
N PHE B 160 -18.11 -8.13 9.56
CA PHE B 160 -18.11 -6.99 8.64
C PHE B 160 -19.46 -6.83 7.97
N GLN B 161 -20.06 -7.93 7.52
CA GLN B 161 -21.40 -7.86 6.92
C GLN B 161 -22.42 -7.33 7.92
N ASP B 162 -22.33 -7.80 9.17
CA ASP B 162 -23.24 -7.36 10.22
C ASP B 162 -23.06 -5.87 10.52
N CYS B 163 -21.81 -5.41 10.60
CA CYS B 163 -21.53 -4.00 10.80
C CYS B 163 -22.08 -3.16 9.65
N TRP B 164 -21.85 -3.62 8.42
CA TRP B 164 -22.38 -2.92 7.24
C TRP B 164 -23.90 -2.78 7.32
N ASN B 165 -24.59 -3.87 7.68
CA ASN B 165 -26.05 -3.82 7.75
C ASN B 165 -26.54 -2.91 8.88
N LYS B 166 -25.93 -3.01 10.06
CA LYS B 166 -26.48 -2.35 11.24
C LYS B 166 -26.01 -0.91 11.42
N PHE B 167 -24.89 -0.52 10.83
CA PHE B 167 -24.26 0.76 11.14
C PHE B 167 -23.82 1.58 9.93
N VAL B 168 -23.94 1.07 8.71
CA VAL B 168 -23.44 1.75 7.52
C VAL B 168 -24.62 2.15 6.64
N ASP B 169 -24.51 3.34 6.04
CA ASP B 169 -25.53 3.87 5.13
C ASP B 169 -25.42 3.19 3.77
N GLY B 170 -25.60 1.86 3.79
CA GLY B 170 -25.47 1.07 2.58
C GLY B 170 -26.57 1.30 1.56
N ARG B 171 -27.73 1.80 2.01
CA ARG B 171 -28.86 2.09 1.13
C ARG B 171 -29.44 0.83 0.50
N GLY B 172 -29.39 -0.30 1.21
CA GLY B 172 -29.91 -1.55 0.74
C GLY B 172 -28.94 -2.42 -0.03
N LYS B 173 -27.85 -1.85 -0.54
CA LYS B 173 -26.85 -2.64 -1.25
C LYS B 173 -26.16 -3.61 -0.30
N PRO B 174 -25.73 -4.77 -0.80
CA PRO B 174 -25.04 -5.75 0.05
C PRO B 174 -23.59 -5.40 0.27
N PHE B 175 -23.05 -5.89 1.39
CA PHE B 175 -21.66 -5.68 1.71
C PHE B 175 -20.75 -6.42 0.74
N LYS B 176 -19.85 -5.68 0.09
CA LYS B 176 -18.88 -6.23 -0.84
C LYS B 176 -17.51 -6.27 -0.18
N PRO B 177 -16.90 -7.45 -0.03
CA PRO B 177 -15.61 -7.52 0.67
C PRO B 177 -14.45 -7.07 -0.20
N TRP B 178 -13.40 -6.61 0.47
CA TRP B 178 -12.21 -6.12 -0.19
C TRP B 178 -11.26 -7.28 -0.52
N ASN B 179 -10.21 -6.96 -1.27
CA ASN B 179 -9.20 -7.95 -1.60
C ASN B 179 -8.41 -8.35 -0.36
N ASN B 180 -8.22 -9.66 -0.18
CA ASN B 180 -7.36 -10.27 0.84
C ASN B 180 -7.98 -10.27 2.24
N LEU B 181 -9.30 -10.12 2.36
CA LEU B 181 -9.91 -10.12 3.69
C LEU B 181 -9.63 -11.40 4.49
N PRO B 182 -9.72 -12.62 3.92
CA PRO B 182 -9.40 -13.81 4.73
C PRO B 182 -7.96 -13.89 5.18
N LYS B 183 -7.01 -13.52 4.31
CA LYS B 183 -5.59 -13.60 4.66
C LYS B 183 -5.26 -12.64 5.79
N HIS B 184 -5.78 -11.41 5.69
CA HIS B 184 -5.63 -10.45 6.78
C HIS B 184 -6.29 -10.98 8.06
N TYR B 185 -7.46 -11.61 7.94
CA TYR B 185 -8.09 -12.18 9.13
C TYR B 185 -7.21 -13.23 9.78
N THR B 186 -6.59 -14.09 8.99
CA THR B 186 -5.73 -15.14 9.55
C THR B 186 -4.55 -14.52 10.28
N LEU B 187 -3.85 -13.58 9.63
CA LEU B 187 -2.75 -12.90 10.29
C LEU B 187 -3.18 -12.30 11.63
N LEU B 188 -4.31 -11.59 11.62
CA LEU B 188 -4.76 -10.89 12.83
C LEU B 188 -5.19 -11.87 13.91
N GLN B 189 -5.87 -12.95 13.52
CA GLN B 189 -6.31 -13.97 14.48
C GLN B 189 -5.12 -14.63 15.15
N ALA B 190 -4.11 -15.01 14.36
CA ALA B 190 -2.92 -15.62 14.95
C ALA B 190 -2.22 -14.65 15.88
N THR B 191 -2.05 -13.40 15.45
CA THR B 191 -1.38 -12.41 16.29
C THR B 191 -2.15 -12.18 17.59
N LEU B 192 -3.48 -12.15 17.53
CA LEU B 192 -4.28 -11.98 18.75
C LEU B 192 -4.14 -13.17 19.67
N GLY B 193 -4.17 -14.38 19.12
CA GLY B 193 -3.94 -15.57 19.94
C GLY B 193 -2.60 -15.53 20.63
N GLU B 194 -1.57 -15.01 19.94
CA GLU B 194 -0.27 -14.83 20.58
C GLU B 194 -0.33 -13.79 21.69
N LEU B 195 -0.94 -12.63 21.41
CA LEU B 195 -0.91 -11.52 22.37
C LEU B 195 -1.76 -11.83 23.59
N LEU B 196 -2.89 -12.51 23.42
CA LEU B 196 -3.66 -12.95 24.57
C LEU B 196 -3.18 -14.26 25.13
N ARG B 197 -2.15 -14.86 24.51
CA ARG B 197 -1.59 -16.14 24.93
C ARG B 197 -2.68 -17.18 25.13
N HIS B 198 -3.52 -17.31 24.11
CA HIS B 198 -4.63 -18.25 24.13
C HIS B 198 -4.13 -19.70 24.17
N LEU B 199 -4.61 -20.47 25.13
CA LEU B 199 -4.26 -21.87 25.27
C LEU B 199 -5.34 -22.76 24.68
N MET B 200 -4.94 -23.98 24.32
CA MET B 200 -5.79 -24.92 23.60
C MET B 200 -6.59 -25.81 24.56
N ASP B 201 -7.81 -26.13 24.15
CA ASP B 201 -8.68 -27.00 24.93
C ASP B 201 -8.02 -28.35 25.19
N PRO B 202 -8.03 -28.84 26.42
CA PRO B 202 -7.41 -30.15 26.71
C PRO B 202 -7.95 -31.29 25.83
N GLY B 203 -9.28 -31.40 25.75
CA GLY B 203 -9.87 -32.45 24.93
C GLY B 203 -9.48 -32.35 23.47
N THR B 204 -9.41 -31.12 22.93
CA THR B 204 -8.95 -30.92 21.57
C THR B 204 -7.54 -31.45 21.39
N PHE B 205 -6.65 -31.14 22.33
CA PHE B 205 -5.27 -31.64 22.26
C PHE B 205 -5.24 -33.16 22.25
N THR B 206 -5.91 -33.79 23.23
CA THR B 206 -5.88 -35.25 23.30
C THR B 206 -6.46 -35.87 22.04
N SER B 207 -7.55 -35.31 21.52
CA SER B 207 -8.16 -35.86 20.31
C SER B 207 -7.24 -35.75 19.10
N ASN B 208 -6.60 -34.59 18.92
CA ASN B 208 -5.87 -34.33 17.69
C ASN B 208 -4.43 -34.84 17.69
N PHE B 209 -3.77 -34.88 18.85
CA PHE B 209 -2.36 -35.23 18.91
C PHE B 209 -2.10 -36.69 19.26
N ASN B 210 -3.15 -37.48 19.51
CA ASN B 210 -3.01 -38.92 19.65
C ASN B 210 -2.25 -39.52 18.47
N ASN B 211 -1.09 -40.10 18.74
CA ASN B 211 -0.27 -40.66 17.67
C ASN B 211 -0.73 -42.05 17.22
N LYS B 212 -1.96 -42.40 17.51
CA LYS B 212 -2.56 -43.61 16.97
C LYS B 212 -2.64 -43.48 15.45
N PRO B 213 -2.36 -44.56 14.70
CA PRO B 213 -2.02 -44.40 13.26
C PRO B 213 -3.00 -43.62 12.41
N TRP B 214 -4.29 -43.97 12.45
CA TRP B 214 -5.31 -43.30 11.63
C TRP B 214 -6.60 -43.03 12.38
N VAL B 215 -6.98 -43.88 13.32
CA VAL B 215 -8.24 -43.83 14.05
C VAL B 215 -8.56 -42.41 14.51
N SER B 216 -9.33 -41.70 13.70
CA SER B 216 -9.76 -40.33 13.98
C SER B 216 -11.11 -40.13 13.31
N GLY B 217 -11.60 -38.90 13.33
CA GLY B 217 -12.82 -38.54 12.63
C GLY B 217 -12.52 -37.93 11.29
N GLN B 218 -13.26 -36.86 10.96
CA GLN B 218 -12.96 -36.03 9.81
C GLN B 218 -11.78 -35.15 10.20
N HIS B 219 -10.58 -35.72 10.12
CA HIS B 219 -9.46 -35.18 10.85
C HIS B 219 -8.98 -33.85 10.25
N GLU B 220 -8.03 -33.26 10.96
CA GLU B 220 -7.68 -31.85 10.90
C GLU B 220 -6.31 -31.70 11.52
N THR B 221 -5.53 -30.75 11.02
CA THR B 221 -4.15 -30.58 11.44
C THR B 221 -4.01 -29.35 12.33
N TYR B 222 -3.48 -29.56 13.54
CA TYR B 222 -3.15 -28.50 14.48
C TYR B 222 -1.64 -28.33 14.55
N LEU B 223 -1.18 -27.08 14.62
CA LEU B 223 0.24 -26.75 14.59
C LEU B 223 0.54 -25.80 15.75
N CYS B 224 1.22 -26.30 16.78
CA CYS B 224 1.80 -25.45 17.81
C CYS B 224 3.17 -24.98 17.36
N TYR B 225 3.52 -23.73 17.64
CA TYR B 225 4.78 -23.18 17.19
C TYR B 225 5.45 -22.36 18.29
N LYS B 226 6.78 -22.33 18.22
CA LYS B 226 7.65 -21.63 19.15
C LYS B 226 8.87 -21.14 18.39
N VAL B 227 9.48 -20.08 18.89
CA VAL B 227 10.70 -19.53 18.30
C VAL B 227 11.78 -19.44 19.37
N GLU B 228 13.00 -19.80 18.99
CA GLU B 228 14.18 -19.54 19.79
C GLU B 228 15.19 -18.80 18.94
N ARG B 229 16.11 -18.10 19.58
CA ARG B 229 17.19 -17.45 18.86
C ARG B 229 18.52 -17.86 19.45
N LEU B 230 19.54 -17.85 18.60
CA LEU B 230 20.87 -18.33 18.95
C LEU B 230 21.66 -17.25 19.68
N HIS B 231 22.37 -17.67 20.73
CA HIS B 231 23.34 -16.80 21.39
C HIS B 231 24.46 -17.68 21.92
N ASN B 232 25.54 -17.79 21.13
CA ASN B 232 26.76 -18.50 21.51
C ASN B 232 26.47 -19.99 21.81
N ASP B 233 26.08 -20.68 20.74
CA ASP B 233 25.96 -22.14 20.70
C ASP B 233 24.86 -22.68 21.60
N THR B 234 23.95 -21.83 22.08
CA THR B 234 22.79 -22.26 22.85
C THR B 234 21.56 -21.50 22.40
N TRP B 235 20.44 -22.19 22.26
CA TRP B 235 19.20 -21.55 21.82
C TRP B 235 18.41 -21.03 23.02
N VAL B 236 18.00 -19.78 22.96
CA VAL B 236 17.24 -19.18 24.06
C VAL B 236 15.85 -18.81 23.58
N PRO B 237 14.83 -18.98 24.43
CA PRO B 237 13.44 -18.79 23.96
C PRO B 237 13.10 -17.35 23.61
N LEU B 238 12.12 -17.22 22.71
CA LEU B 238 11.40 -15.98 22.43
C LEU B 238 9.96 -16.17 22.86
N ASN B 239 9.60 -15.63 24.03
CA ASN B 239 8.29 -15.93 24.62
C ASN B 239 7.11 -15.42 23.80
N GLN B 240 7.30 -14.38 22.97
CA GLN B 240 6.15 -13.80 22.27
C GLN B 240 5.67 -14.68 21.13
N HIS B 241 6.49 -14.88 20.10
CA HIS B 241 6.04 -15.57 18.91
C HIS B 241 5.89 -17.07 19.19
N ARG B 242 4.93 -17.42 20.03
CA ARG B 242 4.61 -18.80 20.35
C ARG B 242 3.09 -18.90 20.40
N GLY B 243 2.58 -20.04 19.97
CA GLY B 243 1.12 -20.21 19.96
C GLY B 243 0.74 -21.49 19.26
N PHE B 244 -0.48 -21.49 18.72
CA PHE B 244 -0.92 -22.62 17.93
C PHE B 244 -2.01 -22.14 16.99
N LEU B 245 -2.09 -22.79 15.84
CA LEU B 245 -3.12 -22.52 14.85
C LEU B 245 -3.62 -23.84 14.30
N ARG B 246 -4.68 -23.77 13.50
CA ARG B 246 -5.26 -24.92 12.84
C ARG B 246 -5.54 -24.57 11.39
N ASN B 247 -5.81 -25.59 10.58
CA ASN B 247 -6.10 -25.37 9.17
C ASN B 247 -7.45 -24.68 9.02
N GLN B 248 -7.51 -23.73 8.10
CA GLN B 248 -8.77 -23.07 7.77
C GLN B 248 -9.54 -23.93 6.79
N ALA B 249 -10.73 -24.36 7.18
CA ALA B 249 -11.57 -25.16 6.31
C ALA B 249 -12.08 -24.31 5.14
N PRO B 250 -12.41 -24.93 4.01
CA PRO B 250 -12.91 -24.16 2.87
C PRO B 250 -14.14 -23.34 3.24
N ASN B 251 -14.17 -22.12 2.72
CA ASN B 251 -15.23 -21.16 3.07
C ASN B 251 -15.35 -20.16 1.93
N ILE B 252 -16.57 -19.97 1.43
CA ILE B 252 -16.80 -19.07 0.31
C ILE B 252 -16.28 -17.68 0.63
N HIS B 253 -16.50 -17.21 1.85
CA HIS B 253 -16.04 -15.89 2.27
C HIS B 253 -14.73 -15.94 3.03
N GLY B 254 -14.12 -17.11 3.14
CA GLY B 254 -12.76 -17.24 3.64
C GLY B 254 -11.85 -17.73 2.53
N PHE B 255 -11.16 -18.84 2.76
CA PHE B 255 -10.38 -19.48 1.71
C PHE B 255 -11.27 -20.52 1.03
N PRO B 256 -11.71 -20.27 -0.21
CA PRO B 256 -12.71 -21.17 -0.83
C PRO B 256 -12.29 -22.63 -0.90
N LYS B 257 -10.99 -22.91 -0.99
CA LYS B 257 -10.51 -24.27 -1.05
C LYS B 257 -9.85 -24.72 0.25
N GLY B 258 -9.54 -23.81 1.16
CA GLY B 258 -8.91 -24.14 2.42
C GLY B 258 -7.50 -23.58 2.52
N ARG B 259 -6.97 -23.68 3.74
CA ARG B 259 -5.60 -23.30 4.02
C ARG B 259 -5.05 -24.28 5.05
N HIS B 260 -4.14 -25.16 4.63
CA HIS B 260 -3.53 -26.08 5.58
C HIS B 260 -2.74 -25.32 6.65
N ALA B 261 -2.63 -25.94 7.82
CA ALA B 261 -1.93 -25.32 8.95
C ALA B 261 -0.52 -24.86 8.57
N ALA B 262 0.23 -25.71 7.86
CA ALA B 262 1.61 -25.37 7.52
C ALA B 262 1.67 -24.09 6.68
N LEU B 263 0.71 -23.91 5.76
CA LEU B 263 0.70 -22.72 4.93
C LEU B 263 0.41 -21.47 5.76
N CYS B 264 -0.59 -21.54 6.66
CA CYS B 264 -0.84 -20.43 7.56
C CYS B 264 0.40 -20.09 8.37
N PHE B 265 1.15 -21.12 8.77
CA PHE B 265 2.35 -20.91 9.58
C PHE B 265 3.44 -20.20 8.78
N LEU B 266 3.67 -20.66 7.53
CA LEU B 266 4.63 -19.99 6.67
C LEU B 266 4.20 -18.58 6.30
N ASP B 267 2.89 -18.32 6.29
CA ASP B 267 2.42 -16.95 6.10
C ASP B 267 2.70 -16.11 7.35
N LEU B 268 2.57 -16.73 8.52
CA LEU B 268 2.73 -16.01 9.78
C LEU B 268 4.18 -15.61 10.02
N ILE B 269 5.13 -16.47 9.62
CA ILE B 269 6.54 -16.23 9.96
C ILE B 269 7.04 -14.85 9.51
N PRO B 270 6.88 -14.44 8.25
CA PRO B 270 7.41 -13.11 7.86
C PRO B 270 6.70 -11.95 8.54
N PHE B 271 5.46 -12.16 8.99
CA PHE B 271 4.75 -11.11 9.71
C PHE B 271 5.43 -10.77 11.03
N TRP B 272 6.22 -11.71 11.58
CA TRP B 272 6.99 -11.43 12.78
C TRP B 272 8.07 -10.38 12.55
N LYS B 273 8.44 -10.15 11.28
CA LYS B 273 9.53 -9.27 10.90
C LYS B 273 10.78 -9.57 11.73
N LEU B 274 11.30 -10.78 11.52
CA LEU B 274 12.48 -11.23 12.22
C LEU B 274 13.71 -10.47 11.71
N ASP B 275 14.86 -10.77 12.30
CA ASP B 275 16.08 -10.06 12.01
C ASP B 275 16.93 -10.85 11.00
N GLY B 276 18.17 -10.41 10.82
CA GLY B 276 19.16 -11.22 10.13
C GLY B 276 19.87 -12.22 11.01
N GLN B 277 19.61 -12.17 12.32
CA GLN B 277 20.14 -13.16 13.24
C GLN B 277 19.49 -14.52 12.97
N GLN B 278 20.10 -15.57 13.53
CA GLN B 278 19.63 -16.92 13.30
C GLN B 278 18.50 -17.25 14.27
N TYR B 279 17.37 -17.68 13.73
CA TYR B 279 16.21 -18.10 14.51
C TYR B 279 15.91 -19.56 14.23
N ARG B 280 15.54 -20.30 15.27
CA ARG B 280 15.09 -21.68 15.12
C ARG B 280 13.60 -21.71 15.45
N VAL B 281 12.78 -21.91 14.42
CA VAL B 281 11.33 -21.97 14.55
C VAL B 281 10.94 -23.44 14.61
N THR B 282 10.39 -23.85 15.76
CA THR B 282 9.97 -25.22 15.98
C THR B 282 8.45 -25.30 15.97
N CYS B 283 7.92 -26.32 15.31
CA CYS B 283 6.49 -26.56 15.28
C CYS B 283 6.20 -28.02 15.61
N PHE B 284 5.02 -28.24 16.17
CA PHE B 284 4.49 -29.54 16.57
C PHE B 284 3.15 -29.68 15.87
N THR B 285 3.09 -30.48 14.82
CA THR B 285 1.89 -30.65 14.02
C THR B 285 1.29 -32.03 14.26
N SER B 286 -0.04 -32.07 14.39
CA SER B 286 -0.73 -33.35 14.59
C SER B 286 -0.57 -34.26 13.38
N TRP B 287 -0.45 -33.68 12.18
CA TRP B 287 -0.16 -34.41 10.96
C TRP B 287 1.10 -33.87 10.32
N SER B 288 1.92 -34.78 9.81
CA SER B 288 3.06 -34.38 9.00
C SER B 288 2.57 -33.60 7.78
N PRO B 289 3.38 -32.69 7.25
CA PRO B 289 2.90 -31.82 6.16
C PRO B 289 2.50 -32.62 4.93
N CYS B 290 1.44 -32.15 4.26
CA CYS B 290 1.05 -32.74 2.99
C CYS B 290 2.10 -32.41 1.92
N PHE B 291 1.86 -32.86 0.70
CA PHE B 291 2.83 -32.64 -0.37
C PHE B 291 2.95 -31.16 -0.71
N SER B 292 1.81 -30.46 -0.83
CA SER B 292 1.85 -29.04 -1.14
C SER B 292 2.47 -28.24 -0.01
N CYS B 293 2.08 -28.55 1.23
CA CYS B 293 2.74 -27.96 2.40
C CYS B 293 4.23 -28.18 2.35
N ALA B 294 4.67 -29.40 2.07
CA ALA B 294 6.10 -29.70 2.01
C ALA B 294 6.79 -28.86 0.95
N GLN B 295 6.18 -28.71 -0.22
CA GLN B 295 6.78 -27.89 -1.27
C GLN B 295 6.94 -26.44 -0.82
N GLU B 296 5.89 -25.89 -0.20
CA GLU B 296 5.96 -24.50 0.26
C GLU B 296 6.98 -24.32 1.37
N MET B 297 7.08 -25.29 2.29
CA MET B 297 8.07 -25.18 3.35
C MET B 297 9.49 -25.29 2.80
N ALA B 298 9.67 -26.14 1.78
CA ALA B 298 10.98 -26.24 1.14
C ALA B 298 11.38 -24.92 0.49
N LYS B 299 10.45 -24.29 -0.23
CA LYS B 299 10.78 -23.00 -0.83
C LYS B 299 11.01 -21.93 0.22
N PHE B 300 10.23 -21.94 1.31
CA PHE B 300 10.42 -20.99 2.39
C PHE B 300 11.82 -21.11 2.99
N ILE B 301 12.26 -22.34 3.28
CA ILE B 301 13.61 -22.54 3.78
C ILE B 301 14.62 -22.11 2.73
N SER B 302 14.31 -22.36 1.45
CA SER B 302 15.19 -21.94 0.36
C SER B 302 15.39 -20.43 0.33
N ASN B 303 14.43 -19.65 0.84
CA ASN B 303 14.53 -18.20 0.76
C ASN B 303 14.69 -17.52 2.12
N ASN B 304 14.87 -18.27 3.20
CA ASN B 304 15.07 -17.70 4.54
C ASN B 304 16.32 -18.33 5.15
N GLU B 305 17.49 -17.75 4.84
CA GLU B 305 18.75 -18.29 5.34
C GLU B 305 18.76 -18.42 6.87
N HIS B 306 18.23 -17.42 7.56
CA HIS B 306 18.38 -17.29 9.01
C HIS B 306 17.30 -18.02 9.79
N VAL B 307 16.45 -18.80 9.12
CA VAL B 307 15.32 -19.47 9.76
C VAL B 307 15.53 -20.97 9.63
N SER B 308 15.57 -21.66 10.77
CA SER B 308 15.73 -23.11 10.82
C SER B 308 14.42 -23.75 11.24
N LEU B 309 13.84 -24.55 10.37
CA LEU B 309 12.54 -25.17 10.62
C LEU B 309 12.73 -26.53 11.26
N CYS B 310 12.22 -26.70 12.48
CA CYS B 310 12.19 -27.99 13.16
C CYS B 310 10.74 -28.46 13.28
N ILE B 311 10.42 -29.57 12.60
CA ILE B 311 9.05 -30.08 12.53
C ILE B 311 8.96 -31.36 13.35
N PHE B 312 8.08 -31.36 14.34
CA PHE B 312 7.73 -32.55 15.11
C PHE B 312 6.31 -32.94 14.73
N ALA B 313 6.16 -34.04 14.01
CA ALA B 313 4.85 -34.55 13.65
C ALA B 313 4.44 -35.63 14.65
N ALA B 314 3.15 -35.63 15.01
CA ALA B 314 2.62 -36.69 15.85
C ALA B 314 2.21 -37.91 15.03
N ARG B 315 1.81 -37.70 13.78
CA ARG B 315 1.45 -38.79 12.89
C ARG B 315 1.98 -38.49 11.49
N ILE B 316 2.09 -39.55 10.70
CA ILE B 316 2.44 -39.44 9.29
C ILE B 316 1.15 -39.45 8.49
N TYR B 317 0.87 -38.35 7.80
CA TYR B 317 -0.29 -38.27 6.92
C TYR B 317 0.02 -38.99 5.63
N ASP B 318 -0.87 -39.90 5.22
CA ASP B 318 -0.72 -40.63 3.97
C ASP B 318 -1.54 -39.88 2.92
N ASP B 319 -0.85 -38.99 2.20
CA ASP B 319 -1.47 -38.09 1.22
C ASP B 319 -1.81 -38.84 -0.07
N GLN B 320 -2.68 -39.85 0.07
CA GLN B 320 -3.13 -40.68 -1.04
C GLN B 320 -1.97 -41.08 -1.94
N GLY B 321 -0.80 -41.34 -1.35
CA GLY B 321 0.32 -41.86 -2.08
C GLY B 321 1.61 -41.06 -1.95
N ARG B 322 1.51 -39.72 -2.04
CA ARG B 322 2.68 -38.87 -2.22
C ARG B 322 3.34 -38.42 -0.93
N TYR B 323 3.07 -39.08 0.20
CA TYR B 323 3.60 -38.60 1.46
C TYR B 323 5.10 -38.82 1.57
N GLN B 324 5.61 -39.94 1.03
CA GLN B 324 7.03 -40.21 1.12
C GLN B 324 7.84 -39.19 0.33
N GLU B 325 7.39 -38.89 -0.89
CA GLU B 325 8.13 -37.92 -1.71
C GLU B 325 8.09 -36.54 -1.09
N GLY B 326 6.95 -36.15 -0.52
CA GLY B 326 6.89 -34.87 0.17
C GLY B 326 7.83 -34.79 1.36
N LEU B 327 7.84 -35.85 2.18
CA LEU B 327 8.73 -35.87 3.33
C LEU B 327 10.19 -35.86 2.91
N ARG B 328 10.52 -36.56 1.82
CA ARG B 328 11.90 -36.58 1.35
C ARG B 328 12.32 -35.24 0.78
N THR B 329 11.43 -34.56 0.05
CA THR B 329 11.73 -33.21 -0.42
C THR B 329 11.94 -32.27 0.76
N LEU B 330 11.08 -32.37 1.78
CA LEU B 330 11.24 -31.53 2.96
C LEU B 330 12.56 -31.82 3.66
N HIS B 331 12.97 -33.09 3.70
CA HIS B 331 14.22 -33.46 4.33
C HIS B 331 15.42 -33.05 3.49
N ARG B 332 15.29 -33.13 2.17
CA ARG B 332 16.39 -32.84 1.26
C ARG B 332 16.52 -31.34 0.94
N ASP B 333 15.67 -30.49 1.51
CA ASP B 333 15.73 -29.07 1.24
C ASP B 333 16.03 -28.21 2.46
N GLY B 334 16.09 -28.79 3.65
CA GLY B 334 16.54 -28.04 4.81
C GLY B 334 15.92 -28.47 6.12
N ALA B 335 14.61 -28.72 6.10
CA ALA B 335 13.85 -28.93 7.33
C ALA B 335 14.36 -30.13 8.10
N LYS B 336 14.38 -30.01 9.42
CA LYS B 336 14.61 -31.13 10.31
C LYS B 336 13.27 -31.71 10.74
N ILE B 337 13.12 -33.02 10.60
CA ILE B 337 11.84 -33.67 10.83
C ILE B 337 12.02 -34.79 11.85
N ALA B 338 11.21 -34.76 12.89
CA ALA B 338 11.20 -35.83 13.88
C ALA B 338 9.76 -36.18 14.21
N MET B 339 9.57 -37.34 14.82
CA MET B 339 8.29 -37.75 15.38
C MET B 339 8.28 -37.48 16.87
N MET B 340 7.17 -36.92 17.34
CA MET B 340 7.03 -36.62 18.76
C MET B 340 7.07 -37.91 19.57
N ASN B 341 8.03 -38.01 20.47
CA ASN B 341 8.01 -39.03 21.50
C ASN B 341 7.33 -38.44 22.73
N TYR B 342 7.36 -39.16 23.86
CA TYR B 342 6.67 -38.73 25.07
C TYR B 342 7.04 -37.30 25.45
N SER B 343 8.34 -36.98 25.44
CA SER B 343 8.80 -35.67 25.89
C SER B 343 8.12 -34.54 25.13
N GLU B 344 7.98 -34.66 23.81
CA GLU B 344 7.36 -33.59 23.03
C GLU B 344 5.88 -33.47 23.32
N PHE B 345 5.18 -34.60 23.45
CA PHE B 345 3.76 -34.55 23.79
C PHE B 345 3.54 -33.87 25.14
N GLU B 346 4.36 -34.21 26.13
CA GLU B 346 4.22 -33.60 27.45
C GLU B 346 4.61 -32.12 27.40
N TYR B 347 5.63 -31.76 26.63
CA TYR B 347 5.99 -30.35 26.50
C TYR B 347 4.86 -29.55 25.88
N CYS B 348 4.22 -30.09 24.84
CA CYS B 348 3.08 -29.40 24.25
C CYS B 348 1.92 -29.30 25.24
N TRP B 349 1.66 -30.37 26.00
CA TRP B 349 0.63 -30.33 27.03
C TRP B 349 0.89 -29.22 28.03
N ASP B 350 2.15 -29.10 28.48
CA ASP B 350 2.50 -28.06 29.44
C ASP B 350 2.39 -26.67 28.81
N THR B 351 2.89 -26.51 27.58
CA THR B 351 3.10 -25.19 27.01
C THR B 351 1.84 -24.63 26.37
N PHE B 352 1.25 -25.36 25.42
CA PHE B 352 0.21 -24.82 24.56
C PHE B 352 -1.20 -25.21 24.97
N VAL B 353 -1.35 -26.11 25.93
CA VAL B 353 -2.66 -26.67 26.27
C VAL B 353 -3.17 -26.00 27.53
N ASP B 354 -4.48 -25.73 27.55
CA ASP B 354 -5.16 -25.19 28.72
C ASP B 354 -5.38 -26.29 29.75
N ARG B 355 -4.27 -26.83 30.26
CA ARG B 355 -4.30 -28.01 31.11
C ARG B 355 -5.00 -27.75 32.44
N GLN B 356 -5.23 -26.49 32.78
CA GLN B 356 -5.98 -26.12 33.98
C GLN B 356 -5.33 -26.67 35.25
N GLY B 357 -4.01 -26.90 35.19
CA GLY B 357 -3.22 -27.37 36.30
C GLY B 357 -2.93 -28.87 36.30
N ARG B 358 -3.84 -29.67 35.74
CA ARG B 358 -3.70 -31.12 35.87
C ARG B 358 -2.62 -31.67 34.93
N PRO B 359 -1.90 -32.71 35.34
CA PRO B 359 -0.73 -33.17 34.57
C PRO B 359 -1.11 -33.95 33.33
N PHE B 360 -0.08 -34.19 32.51
CA PHE B 360 -0.23 -34.92 31.25
C PHE B 360 -0.52 -36.38 31.51
N GLN B 361 -1.69 -36.85 31.06
CA GLN B 361 -2.00 -38.27 31.08
C GLN B 361 -1.64 -38.88 29.73
N PRO B 362 -0.61 -39.72 29.65
CA PRO B 362 -0.22 -40.31 28.35
C PRO B 362 -1.22 -41.34 27.90
N TRP B 363 -1.79 -41.13 26.71
CA TRP B 363 -2.71 -42.11 26.14
C TRP B 363 -2.02 -43.45 25.92
N ASP B 364 -2.85 -44.49 25.81
CA ASP B 364 -2.36 -45.86 25.83
C ASP B 364 -1.50 -46.16 24.61
N GLY B 365 -0.28 -46.65 24.87
CA GLY B 365 0.59 -47.10 23.80
C GLY B 365 1.45 -46.02 23.19
N LEU B 366 1.66 -44.90 23.89
CA LEU B 366 2.34 -43.75 23.30
C LEU B 366 3.74 -44.09 22.82
N ASP B 367 4.57 -44.66 23.70
CA ASP B 367 5.97 -44.92 23.34
C ASP B 367 6.07 -45.92 22.21
N GLU B 368 5.21 -46.95 22.22
CA GLU B 368 5.19 -47.93 21.13
C GLU B 368 4.89 -47.26 19.80
N HIS B 369 3.84 -46.43 19.76
CA HIS B 369 3.48 -45.73 18.54
C HIS B 369 4.58 -44.77 18.10
N SER B 370 5.19 -44.07 19.06
CA SER B 370 6.27 -43.15 18.73
C SER B 370 7.45 -43.88 18.09
N GLN B 371 7.80 -45.06 18.63
CA GLN B 371 8.87 -45.85 18.03
C GLN B 371 8.49 -46.29 16.62
N ALA B 372 7.25 -46.73 16.43
CA ALA B 372 6.80 -47.17 15.11
C ALA B 372 6.83 -46.02 14.10
N LEU B 373 6.32 -44.86 14.49
CA LEU B 373 6.33 -43.69 13.60
C LEU B 373 7.75 -43.23 13.31
N SER B 374 8.63 -43.24 14.31
CA SER B 374 10.03 -42.92 14.08
C SER B 374 10.66 -43.86 13.08
N GLY B 375 10.37 -45.16 13.19
CA GLY B 375 10.90 -46.10 12.23
C GLY B 375 10.37 -45.88 10.83
N ARG B 376 9.07 -45.61 10.72
CA ARG B 376 8.48 -45.28 9.42
C ARG B 376 9.17 -44.06 8.81
N LEU B 377 9.38 -43.01 9.61
CA LEU B 377 10.01 -41.80 9.09
C LEU B 377 11.45 -42.07 8.67
N ARG B 378 12.18 -42.86 9.46
CA ARG B 378 13.55 -43.20 9.10
C ARG B 378 13.60 -43.97 7.80
N ALA B 379 12.67 -44.90 7.61
CA ALA B 379 12.61 -45.65 6.36
C ALA B 379 12.24 -44.75 5.20
N ILE B 380 11.35 -43.77 5.42
CA ILE B 380 10.95 -42.86 4.35
C ILE B 380 12.13 -41.99 3.93
N LEU B 381 12.86 -41.43 4.90
CA LEU B 381 13.95 -40.51 4.56
C LEU B 381 15.14 -41.24 3.96
N GLN B 382 15.42 -42.46 4.43
CA GLN B 382 16.59 -43.21 4.00
C GLN B 382 16.30 -44.10 2.79
N ASN B 383 15.22 -43.84 2.08
CA ASN B 383 14.93 -44.59 0.86
C ASN B 383 15.82 -44.08 -0.28
N GLN B 384 16.06 -44.97 -1.25
CA GLN B 384 17.05 -44.71 -2.29
C GLN B 384 16.61 -43.63 -3.27
N GLY B 385 17.53 -43.20 -4.11
CA GLY B 385 17.27 -42.23 -5.15
C GLY B 385 17.11 -42.93 -6.49
N ASN B 386 18.20 -43.06 -7.25
CA ASN B 386 18.17 -43.78 -8.53
C ASN B 386 18.28 -45.28 -8.33
ZN ZN E . 21.25 14.28 0.42
ZN ZN F . -10.95 13.40 -25.02
ZN ZN G . -8.15 5.04 23.57
ZN ZN H . -1.18 -29.70 3.50
#